data_9C51
#
_entry.id   9C51
#
_cell.length_a   1.00
_cell.length_b   1.00
_cell.length_c   1.00
_cell.angle_alpha   90.00
_cell.angle_beta   90.00
_cell.angle_gamma   90.00
#
_symmetry.space_group_name_H-M   'P 1'
#
loop_
_entity.id
_entity.type
_entity.pdbx_description
1 polymer 'DNA polymerase gamma'
2 polymer 'Non-Template DNA'
3 polymer 'Primer DNA'
4 polymer 'Template DNA'
5 non-polymer "2'-DEOXYADENOSINE 5'-TRIPHOSPHATE"
6 non-polymer 'MAGNESIUM ION'
#
loop_
_entity_poly.entity_id
_entity_poly.type
_entity_poly.pdbx_seq_one_letter_code
_entity_poly.pdbx_strand_id
1 'polypeptide(L)'
;MASTKKNTAEAPRINPVGIQYLGESLQRQVFGSCGGKDEVEQSDKLMELSKKSLKDHGLWGKKTLITDPISFPLPPLQGR
SLDEHFQKIGRFNSEPYKSFCEDKFTEMVARPAEWLRKPGWVKYVPGMAPVEVAYPDEELVVFDVETLYNVSDYPTLATA
LSSTAWYLWCSPFICGGDDPAALIPLNTLNKEQVVIGHNVAYDRARVLEEYNFRDSKAFFLDTQSLHIASFGLCSRQRPM
FMKNNKKKEAEVESEVHPEISIEDYDDPWLNVSALNSLKDVAKFHCKIDLDKTDRDFFASTDKSTIIENFQKLVNYCATD
VTATSQVFDKIFPVFLKKCPHPVSFAGLKSLSKCILPTKLNDWNDYLNSSESLYQQSKVQIESKIVQIIKDIALLKDKPD
FYLKDPWLSQLDWTTKPLRLTKKGVPAKCQKLPGFPEWYRQLFPSKDTVEPKITIKSRIIPILFKLSWENSPVIWSKESG
WCFNVPHEQVETYKAKNYVLADSVSQEEEEIRMNNLGLQCTGVLFKVPHPNGPTFNCTNLLTKSYNHFFEKGVLKSESEL
AHQALQINSSGSYWMSARERIQSQFVVPNCKFPNEFQSLSAKSSLNNEKTNDLAIIIPKIVPMGTITRRAVENTWLTASN
AKANRIGSELKTQVKAPPGYCFVGADVDSEELWIASLVGDSIFNVHGGTAIGWMCLEGTKNEGTDLHTKTAQILGCSRNE
AKIFNYGRIYGAGAKFASQLLKRFNPSLTDEETKKIANKLYENTKGKTKRSKLFKKFWYGGSESILFNKLESIAEQETPK
TPVLGCGITYSLMKKNLRANSFLPSRINWAIQSSGVDYLHLLCCSMEYIIKKYNLEARLCISIHDEIRFLVSEKDKYRAA
MALQISNIWTRAMFCQQMGINELPQNCAFFSQVDIDSVIRKEVNMDCITPSNKTAIPHGEALDINQLLDKPNSKLGKPSL
DIDSKVSQYAYNYREPVFEEYNKSYTPEFLKYFLAMQVQSDKRDVNRLEDEYLRECTSKEYARDGNTAEYSLLDYIKDVE
KGKRTKVRIMGSNFLDGTKNAKADQRIRLPVNMPDYPTLHKIANDSAIPEKQLLENRRKKENRIDDENKKKLTRKKNTTP
MERKYKRVYGGRKAFEAFYECANKPLDYTLETEKQFFNIPIDGVIDDVLNDKSNYKKKPSQARTASSSPIRKTAKAVHSK
KLPARKSSTTNRNLVELERDITISREYKLAAALEHHHHHH
;
A
2 'polydeoxyribonucleotide'
;(DT)(DT)(DT)(DT)(DG)(DG)(DT)(DA)(DG)(DT)(DC)(DG)(DT)(DG)(DA)(DC)(DT)(DC)(DG)(DA)
(DC)(DC)(DG)
;
N
3 'polydeoxyribonucleotide'
;(DG)(DA)(DA)(DG)(DA)(DC)(DA)(DG)(DT)(DC)(DT)(DG)(DC)(DG)(DG)(DC)(DG)(DC)(DG)(DC)
(DG)(DG)(DG)(2DT)
;
P
4 'polydeoxyribonucleotide'
;(DC)(DG)(DG)(DT)(DC)(DG)(DA)(DG)(DA)(DG)(DT)(DC)(DA)(DC)(DG)(DA)(DC)(DT)(DA)(DC)
(DC)(DC)(DG)(DC)(DG)(DC)(DG)(DC)(DC)(DG)(DC)(DA)(DG)(DA)(DC)(DT)(DG)(DT)(DC)(DT)
(DT)(DC)
;
T
#
loop_
_chem_comp.id
_chem_comp.type
_chem_comp.name
_chem_comp.formula
2DT DNA linking 3'-DEOXYTHYMIDINE-5'-MONOPHOSPHATE 'C10 H15 N2 O7 P'
DA DNA linking 2'-DEOXYADENOSINE-5'-MONOPHOSPHATE 'C10 H14 N5 O6 P'
DC DNA linking 2'-DEOXYCYTIDINE-5'-MONOPHOSPHATE 'C9 H14 N3 O7 P'
DG DNA linking 2'-DEOXYGUANOSINE-5'-MONOPHOSPHATE 'C10 H14 N5 O7 P'
DT DNA linking THYMIDINE-5'-MONOPHOSPHATE 'C10 H15 N2 O8 P'
DTP non-polymer '2'-DEOXYADENOSINE 5'-TRIPHOSPHATE' 'C10 H16 N5 O12 P3'
MG non-polymer 'MAGNESIUM ION' 'Mg 2'
#
# COMPACT_ATOMS: atom_id res chain seq x y z
N THR A 8 0.33 45.88 -23.67
CA THR A 8 -0.80 44.96 -23.69
C THR A 8 -0.60 43.83 -22.68
N ALA A 9 -0.84 42.60 -23.14
CA ALA A 9 -0.67 41.43 -22.27
C ALA A 9 0.80 41.15 -22.05
N GLU A 10 1.07 40.40 -20.98
CA GLU A 10 2.44 40.03 -20.65
C GLU A 10 2.95 38.94 -21.59
N ALA A 11 4.22 39.06 -21.97
CA ALA A 11 4.83 38.08 -22.85
C ALA A 11 5.39 36.90 -22.06
N PRO A 12 5.23 35.69 -22.56
CA PRO A 12 5.78 34.51 -21.87
C PRO A 12 7.31 34.51 -21.87
N ARG A 13 7.86 33.87 -20.85
CA ARG A 13 9.30 33.71 -20.69
C ARG A 13 9.68 32.27 -21.00
N ILE A 14 10.67 32.09 -21.87
CA ILE A 14 11.05 30.79 -22.40
C ILE A 14 12.56 30.61 -22.28
N ASN A 15 13.00 29.41 -21.87
CA ASN A 15 14.39 29.00 -21.78
C ASN A 15 15.03 28.92 -23.17
N PRO A 16 16.34 28.65 -23.27
CA PRO A 16 16.87 28.21 -24.57
C PRO A 16 16.16 26.99 -25.14
N VAL A 17 15.70 26.10 -24.28
CA VAL A 17 14.79 25.02 -24.64
C VAL A 17 13.37 25.56 -24.49
N GLY A 18 12.45 25.14 -25.36
CA GLY A 18 11.13 25.73 -25.37
C GLY A 18 10.23 25.32 -24.22
N ILE A 19 10.56 25.78 -23.01
CA ILE A 19 9.78 25.50 -21.81
C ILE A 19 9.40 26.82 -21.16
N GLN A 20 8.11 26.96 -20.82
CA GLN A 20 7.59 28.18 -20.23
C GLN A 20 7.72 28.16 -18.71
N TYR A 21 7.90 29.34 -18.12
CA TYR A 21 7.97 29.54 -16.69
C TYR A 21 6.79 30.38 -16.20
N LEU A 22 6.78 30.64 -14.90
CA LEU A 22 5.71 31.39 -14.26
C LEU A 22 5.79 32.87 -14.60
N GLY A 23 4.69 33.57 -14.34
CA GLY A 23 4.63 35.00 -14.56
C GLY A 23 5.41 35.78 -13.51
N GLU A 24 5.43 37.09 -13.70
CA GLU A 24 6.22 37.95 -12.82
C GLU A 24 5.68 37.98 -11.39
N SER A 25 4.35 38.04 -11.25
CA SER A 25 3.74 38.12 -9.92
C SER A 25 3.96 36.82 -9.14
N LEU A 26 3.72 35.67 -9.79
CA LEU A 26 3.93 34.38 -9.13
C LEU A 26 5.40 34.18 -8.77
N GLN A 27 6.30 34.56 -9.67
CA GLN A 27 7.73 34.47 -9.39
C GLN A 27 8.12 35.30 -8.20
N ARG A 28 7.61 36.54 -8.13
CA ARG A 28 7.94 37.42 -7.01
C ARG A 28 7.37 36.90 -5.69
N GLN A 29 6.13 36.39 -5.71
CA GLN A 29 5.51 35.93 -4.48
C GLN A 29 5.99 34.55 -4.03
N VAL A 30 6.60 33.77 -4.91
CA VAL A 30 7.06 32.43 -4.55
C VAL A 30 8.55 32.40 -4.27
N PHE A 31 9.37 32.86 -5.21
CA PHE A 31 10.83 32.76 -5.07
C PHE A 31 11.48 34.06 -4.62
N GLY A 32 10.71 35.13 -4.44
CA GLY A 32 11.28 36.41 -4.03
C GLY A 32 12.20 36.95 -5.11
N SER A 33 13.42 37.30 -4.72
CA SER A 33 14.44 37.78 -5.65
C SER A 33 15.63 36.85 -5.58
N CYS A 34 16.04 36.31 -6.75
CA CYS A 34 17.16 35.40 -6.84
C CYS A 34 17.93 35.66 -8.11
N GLY A 35 19.20 35.27 -8.12
CA GLY A 35 20.05 35.45 -9.27
C GLY A 35 20.97 34.28 -9.54
N GLY A 36 20.92 33.73 -10.74
CA GLY A 36 21.75 32.60 -11.11
C GLY A 36 22.48 32.79 -12.42
N LYS A 37 22.93 34.02 -12.69
CA LYS A 37 23.60 34.30 -13.96
C LYS A 37 25.01 33.73 -14.00
N ASP A 38 25.66 33.57 -12.85
CA ASP A 38 27.05 33.14 -12.82
C ASP A 38 27.22 31.67 -13.19
N GLU A 39 26.17 30.86 -13.04
CA GLU A 39 26.29 29.43 -13.33
C GLU A 39 26.39 29.16 -14.82
N VAL A 40 25.80 30.03 -15.65
CA VAL A 40 25.69 29.78 -17.08
C VAL A 40 27.06 29.65 -17.73
N GLU A 41 28.05 30.42 -17.25
CA GLU A 41 29.41 30.33 -17.80
C GLU A 41 29.97 28.92 -17.62
N GLN A 42 29.69 28.28 -16.49
CA GLN A 42 30.05 26.89 -16.34
C GLN A 42 29.07 25.96 -17.05
N SER A 43 27.80 26.37 -17.16
CA SER A 43 26.78 25.48 -17.68
C SER A 43 26.81 25.36 -19.20
N ASP A 44 27.54 26.24 -19.89
CA ASP A 44 27.48 26.28 -21.35
C ASP A 44 27.93 24.97 -21.99
N LYS A 45 29.03 24.40 -21.49
CA LYS A 45 29.45 23.08 -21.95
C LYS A 45 28.36 22.06 -21.73
N LEU A 46 27.75 22.07 -20.54
CA LEU A 46 26.64 21.16 -20.28
C LEU A 46 25.51 21.40 -21.27
N MET A 47 25.23 22.67 -21.58
CA MET A 47 24.19 22.99 -22.55
C MET A 47 24.53 22.36 -23.89
N GLU A 48 25.81 22.47 -24.31
CA GLU A 48 26.24 21.85 -25.55
C GLU A 48 25.96 20.36 -25.52
N LEU A 49 26.33 19.70 -24.42
CA LEU A 49 26.07 18.27 -24.30
C LEU A 49 24.58 18.00 -24.39
N SER A 50 23.78 18.81 -23.68
CA SER A 50 22.33 18.62 -23.73
C SER A 50 21.84 18.79 -25.15
N LYS A 51 22.36 19.81 -25.85
CA LYS A 51 21.94 20.06 -27.22
C LYS A 51 22.23 18.83 -28.08
N LYS A 52 23.41 18.24 -27.91
CA LYS A 52 23.77 17.07 -28.69
C LYS A 52 22.78 15.94 -28.44
N SER A 53 22.44 15.71 -27.16
CA SER A 53 21.48 14.66 -26.83
C SER A 53 20.13 14.96 -27.46
N LEU A 54 19.72 16.23 -27.43
CA LEU A 54 18.42 16.55 -28.00
C LEU A 54 18.43 16.41 -29.51
N LYS A 55 19.60 16.55 -30.13
CA LYS A 55 19.64 16.30 -31.56
C LYS A 55 19.70 14.82 -31.87
N ASP A 56 20.20 14.00 -30.94
CA ASP A 56 20.33 12.57 -31.21
C ASP A 56 18.98 11.87 -31.25
N HIS A 57 18.00 12.39 -30.52
CA HIS A 57 16.67 11.79 -30.46
C HIS A 57 15.62 12.61 -31.19
N GLY A 58 16.02 13.66 -31.91
CA GLY A 58 15.11 14.43 -32.73
C GLY A 58 14.08 15.25 -31.98
N LEU A 59 14.45 15.85 -30.85
CA LEU A 59 13.56 16.70 -30.08
C LEU A 59 14.01 18.16 -30.05
N TRP A 60 14.88 18.56 -30.96
CA TRP A 60 15.39 19.93 -31.01
C TRP A 60 14.57 20.73 -32.01
N GLY A 61 14.01 21.84 -31.56
CA GLY A 61 13.17 22.67 -32.39
C GLY A 61 11.70 22.30 -32.38
N LYS A 62 11.33 21.19 -31.75
CA LYS A 62 9.95 20.77 -31.72
C LYS A 62 9.15 21.65 -30.77
N LYS A 63 7.92 21.98 -31.17
CA LYS A 63 7.11 22.94 -30.42
C LYS A 63 6.45 22.30 -29.21
N THR A 64 6.20 23.13 -28.19
CA THR A 64 5.52 22.73 -26.97
C THR A 64 4.28 23.61 -26.76
N LEU A 65 3.64 23.45 -25.61
CA LEU A 65 2.39 24.15 -25.30
C LEU A 65 2.70 25.47 -24.61
N ILE A 66 2.19 26.56 -25.17
CA ILE A 66 2.38 27.91 -24.62
C ILE A 66 1.01 28.54 -24.43
N THR A 67 0.76 29.08 -23.24
CA THR A 67 -0.54 29.61 -22.84
C THR A 67 -0.30 30.94 -22.14
N ASP A 68 -1.37 31.74 -21.95
CA ASP A 68 -1.25 33.03 -21.30
C ASP A 68 -0.84 32.87 -19.83
N PRO A 69 -0.08 33.83 -19.29
CA PRO A 69 0.34 33.73 -17.89
C PRO A 69 -0.82 33.85 -16.91
N ILE A 70 -0.66 33.21 -15.76
CA ILE A 70 -1.66 33.21 -14.70
C ILE A 70 -1.14 34.07 -13.56
N SER A 71 -1.99 34.95 -13.04
CA SER A 71 -1.59 35.84 -11.95
C SER A 71 -2.78 36.09 -11.03
N PHE A 72 -2.60 35.81 -9.74
CA PHE A 72 -3.59 36.12 -8.72
C PHE A 72 -2.86 36.19 -7.38
N PRO A 73 -3.36 36.99 -6.43
CA PRO A 73 -2.63 37.16 -5.17
C PRO A 73 -2.63 35.92 -4.30
N LEU A 74 -1.58 35.81 -3.48
CA LEU A 74 -1.31 34.67 -2.63
C LEU A 74 -1.04 35.12 -1.21
N PRO A 75 -1.28 34.27 -0.21
CA PRO A 75 -0.85 34.58 1.15
C PRO A 75 0.66 34.68 1.23
N PRO A 76 1.18 35.61 2.05
CA PRO A 76 2.63 35.80 2.12
C PRO A 76 3.32 34.67 2.88
N LEU A 77 4.62 34.57 2.66
CA LEU A 77 5.46 33.59 3.33
C LEU A 77 5.98 34.15 4.66
N GLN A 78 6.40 33.24 5.53
CA GLN A 78 6.88 33.59 6.86
C GLN A 78 8.40 33.61 6.96
N GLY A 79 9.11 33.62 5.84
CA GLY A 79 10.55 33.66 5.87
C GLY A 79 11.10 34.13 4.54
N ARG A 80 12.43 34.22 4.49
CA ARG A 80 13.13 34.60 3.27
C ARG A 80 13.33 33.43 2.31
N SER A 81 12.99 32.21 2.74
CA SER A 81 13.07 31.03 1.90
C SER A 81 12.00 30.05 2.34
N LEU A 82 11.77 29.04 1.51
CA LEU A 82 10.73 28.05 1.82
C LEU A 82 11.11 27.17 2.99
N ASP A 83 12.41 26.89 3.17
CA ASP A 83 12.84 26.06 4.29
C ASP A 83 12.55 26.74 5.62
N GLU A 84 12.82 28.04 5.72
CA GLU A 84 12.50 28.79 6.94
C GLU A 84 11.00 28.77 7.23
N HIS A 85 10.19 29.01 6.19
CA HIS A 85 8.75 29.00 6.33
C HIS A 85 8.25 27.65 6.84
N PHE A 86 8.73 26.56 6.23
CA PHE A 86 8.23 25.25 6.61
C PHE A 86 8.72 24.83 7.99
N GLN A 87 9.96 25.18 8.36
CA GLN A 87 10.43 24.87 9.71
C GLN A 87 9.65 25.64 10.77
N LYS A 88 9.38 26.92 10.54
CA LYS A 88 8.65 27.70 11.53
C LYS A 88 7.20 27.20 11.65
N ILE A 89 6.56 26.88 10.53
CA ILE A 89 5.21 26.32 10.61
C ILE A 89 5.20 24.93 11.25
N GLY A 90 6.25 24.14 11.04
CA GLY A 90 6.34 22.83 11.69
C GLY A 90 6.48 22.93 13.19
N ARG A 91 7.33 23.85 13.67
CA ARG A 91 7.41 24.08 15.12
C ARG A 91 6.11 24.65 15.66
N PHE A 92 5.40 25.47 14.88
CA PHE A 92 4.11 25.98 15.32
C PHE A 92 3.08 24.87 15.48
N ASN A 93 3.07 23.90 14.55
CA ASN A 93 2.06 22.85 14.57
C ASN A 93 2.41 21.69 15.51
N SER A 94 3.63 21.61 16.02
CA SER A 94 4.07 20.47 16.80
C SER A 94 4.00 20.70 18.31
N GLU A 95 3.48 21.84 18.76
CA GLU A 95 3.49 22.16 20.18
C GLU A 95 2.06 22.28 20.69
N PRO A 96 1.83 21.99 21.99
CA PRO A 96 2.77 21.60 23.05
C PRO A 96 2.94 20.09 23.24
N TYR A 97 2.56 19.28 22.25
CA TYR A 97 2.71 17.83 22.39
C TYR A 97 4.17 17.40 22.38
N LYS A 98 5.02 18.13 21.65
CA LYS A 98 6.44 17.82 21.63
C LYS A 98 7.07 18.02 23.00
N SER A 99 6.65 19.07 23.73
CA SER A 99 7.15 19.30 25.06
C SER A 99 6.68 18.22 26.04
N PHE A 100 5.47 17.72 25.86
CA PHE A 100 4.99 16.64 26.72
C PHE A 100 5.68 15.31 26.40
N CYS A 101 6.05 15.09 25.14
CA CYS A 101 6.75 13.86 24.78
C CYS A 101 8.11 13.78 25.47
N GLU A 102 8.84 14.89 25.50
CA GLU A 102 10.01 14.98 26.35
C GLU A 102 9.59 15.24 27.79
N ASP A 103 10.58 15.22 28.70
CA ASP A 103 10.38 15.39 30.13
C ASP A 103 9.44 14.34 30.73
N LYS A 104 9.29 13.20 30.05
CA LYS A 104 8.44 12.12 30.55
C LYS A 104 9.14 11.41 31.70
N PHE A 105 8.34 10.90 32.63
CA PHE A 105 8.86 10.27 33.84
C PHE A 105 9.65 9.01 33.50
N THR A 106 10.60 8.68 34.36
CA THR A 106 11.40 7.46 34.26
C THR A 106 11.07 6.47 35.38
N GLU A 107 11.12 6.90 36.63
CA GLU A 107 10.76 6.04 37.74
C GLU A 107 9.24 5.82 37.78
N MET A 108 8.84 4.64 38.20
CA MET A 108 7.44 4.21 38.20
C MET A 108 6.97 4.01 39.64
N VAL A 109 5.78 4.52 39.94
CA VAL A 109 5.27 4.45 41.31
C VAL A 109 4.81 3.03 41.64
N ALA A 110 4.61 2.78 42.93
CA ALA A 110 4.23 1.46 43.39
C ALA A 110 2.76 1.18 43.08
N ARG A 111 2.44 -0.11 42.99
CA ARG A 111 1.17 -0.74 42.67
C ARG A 111 0.37 -1.00 43.95
N PRO A 112 -0.93 -0.72 43.95
CA PRO A 112 -1.76 -0.99 45.13
C PRO A 112 -1.85 -2.48 45.42
N ALA A 113 -2.03 -2.81 46.70
CA ALA A 113 -2.13 -4.20 47.11
C ALA A 113 -3.43 -4.84 46.65
N GLU A 114 -4.54 -4.11 46.73
CA GLU A 114 -5.85 -4.62 46.36
C GLU A 114 -6.55 -3.63 45.44
N TRP A 115 -7.26 -4.17 44.46
CA TRP A 115 -8.08 -3.37 43.54
C TRP A 115 -9.54 -3.48 43.94
N LEU A 116 -10.28 -2.40 43.76
CA LEU A 116 -11.70 -2.34 44.09
C LEU A 116 -12.54 -2.41 42.83
N ARG A 117 -13.65 -3.15 42.90
CA ARG A 117 -14.58 -3.28 41.78
C ARG A 117 -15.68 -2.23 41.95
N LYS A 118 -15.56 -1.12 41.23
CA LYS A 118 -16.53 -0.04 41.29
C LYS A 118 -16.64 0.59 39.90
N PRO A 119 -17.85 0.89 39.44
CA PRO A 119 -18.01 1.46 38.09
C PRO A 119 -17.39 2.84 37.98
N GLY A 120 -16.80 3.12 36.82
CA GLY A 120 -16.19 4.40 36.57
C GLY A 120 -14.68 4.42 36.75
N TRP A 121 -14.15 5.58 37.12
CA TRP A 121 -12.71 5.82 37.24
C TRP A 121 -12.34 5.93 38.72
N VAL A 122 -11.37 5.12 39.15
CA VAL A 122 -10.87 5.14 40.52
C VAL A 122 -9.37 5.41 40.47
N LYS A 123 -8.93 6.35 41.30
CA LYS A 123 -7.54 6.79 41.35
C LYS A 123 -6.89 6.31 42.65
N TYR A 124 -5.70 5.71 42.52
CA TYR A 124 -4.92 5.19 43.64
C TYR A 124 -3.61 5.95 43.73
N VAL A 125 -3.32 6.48 44.91
CA VAL A 125 -2.09 7.21 45.19
C VAL A 125 -1.38 6.48 46.33
N PRO A 126 -0.07 6.21 46.22
CA PRO A 126 0.63 5.49 47.30
C PRO A 126 0.65 6.29 48.59
N GLY A 127 0.14 5.66 49.66
CA GLY A 127 0.08 6.28 50.96
C GLY A 127 -1.26 6.87 51.34
N MET A 128 -2.17 6.99 50.39
CA MET A 128 -3.48 7.59 50.64
C MET A 128 -4.58 6.60 50.26
N ALA A 129 -5.82 6.99 50.57
CA ALA A 129 -6.98 6.18 50.27
C ALA A 129 -7.38 6.34 48.80
N PRO A 130 -7.96 5.30 48.19
CA PRO A 130 -8.46 5.44 46.82
C PRO A 130 -9.60 6.43 46.73
N VAL A 131 -9.70 7.09 45.57
CA VAL A 131 -10.74 8.10 45.36
C VAL A 131 -11.45 7.82 44.05
N GLU A 132 -12.65 8.36 43.90
CA GLU A 132 -13.43 8.27 42.68
C GLU A 132 -13.32 9.57 41.90
N VAL A 133 -13.05 9.47 40.60
CA VAL A 133 -12.85 10.66 39.77
C VAL A 133 -13.69 10.54 38.50
N ALA A 134 -13.92 11.69 37.87
CA ALA A 134 -14.64 11.73 36.61
C ALA A 134 -13.69 11.53 35.42
N TYR A 135 -12.58 12.27 35.40
CA TYR A 135 -11.54 12.13 34.39
C TYR A 135 -10.20 11.98 35.08
N PRO A 136 -9.24 11.27 34.45
CA PRO A 136 -7.87 11.29 34.98
C PRO A 136 -7.26 12.67 35.01
N ASP A 137 -7.55 13.50 34.00
CA ASP A 137 -7.12 14.91 33.93
C ASP A 137 -5.60 15.02 34.03
N GLU A 138 -4.90 14.29 33.17
CA GLU A 138 -3.45 14.24 33.17
C GLU A 138 -2.92 14.58 31.78
N GLU A 139 -1.71 15.16 31.74
CA GLU A 139 -1.12 15.55 30.47
C GLU A 139 -0.63 14.33 29.69
N LEU A 140 0.00 13.37 30.35
CA LEU A 140 0.51 12.19 29.69
C LEU A 140 0.17 10.95 30.51
N VAL A 141 -0.36 9.92 29.85
CA VAL A 141 -0.67 8.64 30.46
C VAL A 141 -0.30 7.53 29.50
N VAL A 142 -0.16 6.32 30.05
CA VAL A 142 0.01 5.09 29.28
C VAL A 142 -1.23 4.23 29.49
N PHE A 143 -1.84 3.79 28.39
CA PHE A 143 -3.21 3.30 28.40
C PHE A 143 -3.29 1.92 27.77
N ASP A 144 -4.19 1.09 28.30
CA ASP A 144 -4.44 -0.23 27.73
C ASP A 144 -5.88 -0.65 28.06
N VAL A 145 -6.51 -1.34 27.11
CA VAL A 145 -7.93 -1.67 27.16
C VAL A 145 -8.11 -3.17 26.94
N GLU A 146 -9.03 -3.78 27.69
CA GLU A 146 -9.41 -5.17 27.51
C GLU A 146 -10.91 -5.24 27.22
N THR A 147 -11.31 -6.19 26.38
CA THR A 147 -12.72 -6.36 26.02
C THR A 147 -13.04 -7.84 25.86
N LEU A 148 -14.33 -8.16 25.97
CA LEU A 148 -14.86 -9.50 25.76
C LEU A 148 -15.43 -9.55 24.35
N TYR A 149 -14.65 -10.05 23.39
CA TYR A 149 -15.01 -9.92 21.99
C TYR A 149 -16.12 -10.88 21.57
N ASN A 150 -16.23 -12.03 22.21
CA ASN A 150 -17.27 -12.99 21.83
C ASN A 150 -18.67 -12.58 22.32
N VAL A 151 -18.77 -11.56 23.15
CA VAL A 151 -20.06 -11.07 23.64
C VAL A 151 -20.46 -9.77 22.95
N SER A 152 -19.56 -8.81 22.90
CA SER A 152 -19.86 -7.51 22.29
C SER A 152 -18.56 -6.88 21.82
N ASP A 153 -18.67 -5.69 21.22
CA ASP A 153 -17.52 -4.95 20.74
C ASP A 153 -17.09 -3.83 21.68
N TYR A 154 -17.76 -3.69 22.84
CA TYR A 154 -17.54 -2.63 23.80
C TYR A 154 -16.54 -3.07 24.88
N PRO A 155 -15.78 -2.14 25.45
CA PRO A 155 -14.72 -2.53 26.39
C PRO A 155 -15.28 -2.99 27.73
N THR A 156 -14.43 -3.70 28.48
CA THR A 156 -14.79 -4.24 29.79
C THR A 156 -14.05 -3.57 30.93
N LEU A 157 -12.73 -3.37 30.79
CA LEU A 157 -11.96 -2.71 31.83
C LEU A 157 -10.77 -2.01 31.19
N ALA A 158 -10.20 -1.05 31.93
CA ALA A 158 -9.03 -0.34 31.44
C ALA A 158 -8.20 0.15 32.61
N THR A 159 -6.89 0.34 32.37
CA THR A 159 -5.98 0.89 33.38
C THR A 159 -5.09 1.93 32.74
N ALA A 160 -4.68 2.91 33.55
CA ALA A 160 -3.82 4.00 33.12
C ALA A 160 -2.75 4.27 34.16
N LEU A 161 -1.55 4.60 33.69
CA LEU A 161 -0.43 4.91 34.56
C LEU A 161 0.06 6.32 34.27
N SER A 162 0.30 7.09 35.33
CA SER A 162 0.81 8.45 35.21
C SER A 162 2.07 8.61 36.04
N SER A 163 2.58 9.84 36.13
CA SER A 163 3.80 10.08 36.89
C SER A 163 3.55 10.03 38.40
N THR A 164 2.29 10.21 38.82
CA THR A 164 1.96 10.30 40.23
C THR A 164 1.07 9.18 40.76
N ALA A 165 0.13 8.68 39.96
CA ALA A 165 -0.90 7.80 40.49
C ALA A 165 -1.24 6.71 39.49
N TRP A 166 -2.12 5.81 39.91
CA TRP A 166 -2.65 4.75 39.07
C TRP A 166 -4.14 4.96 38.89
N TYR A 167 -4.67 4.58 37.73
CA TYR A 167 -6.10 4.77 37.46
C TYR A 167 -6.69 3.49 36.91
N LEU A 168 -7.89 3.14 37.39
CA LEU A 168 -8.61 1.96 36.92
C LEU A 168 -10.03 2.35 36.54
N TRP A 169 -10.45 1.94 35.34
CA TRP A 169 -11.80 2.15 34.85
C TRP A 169 -12.51 0.82 34.72
N CYS A 170 -13.69 0.72 35.34
CA CYS A 170 -14.51 -0.49 35.30
C CYS A 170 -15.87 -0.19 34.70
N SER A 171 -16.32 -1.07 33.80
CA SER A 171 -17.60 -0.97 33.13
C SER A 171 -18.75 -1.38 34.04
N PRO A 172 -19.92 -0.77 33.90
CA PRO A 172 -21.09 -1.20 34.71
C PRO A 172 -21.57 -2.62 34.41
N PHE A 173 -21.22 -3.18 33.25
CA PHE A 173 -21.70 -4.52 32.90
C PHE A 173 -21.20 -5.58 33.86
N ILE A 174 -20.00 -5.41 34.41
CA ILE A 174 -19.45 -6.33 35.40
C ILE A 174 -19.72 -5.86 36.82
N CYS A 175 -20.57 -4.84 37.00
CA CYS A 175 -20.91 -4.32 38.31
C CYS A 175 -22.41 -4.43 38.59
N GLY A 176 -23.07 -5.41 37.98
CA GLY A 176 -24.49 -5.61 38.21
C GLY A 176 -25.39 -4.92 37.20
N GLY A 177 -25.12 -5.15 35.91
CA GLY A 177 -25.93 -4.56 34.87
C GLY A 177 -26.11 -5.53 33.72
N ASP A 178 -27.14 -5.28 32.92
CA ASP A 178 -27.46 -6.12 31.77
C ASP A 178 -27.27 -5.40 30.44
N ASP A 179 -26.76 -4.17 30.45
CA ASP A 179 -26.54 -3.41 29.22
C ASP A 179 -25.05 -3.26 29.00
N PRO A 180 -24.49 -3.82 27.93
CA PRO A 180 -23.04 -3.76 27.71
C PRO A 180 -22.55 -2.59 26.87
N ALA A 181 -23.39 -1.62 26.53
CA ALA A 181 -23.01 -0.50 25.67
C ALA A 181 -22.51 0.64 26.55
N ALA A 182 -21.19 0.80 26.61
CA ALA A 182 -20.58 1.88 27.37
C ALA A 182 -19.24 2.24 26.73
N LEU A 183 -18.80 3.47 26.97
CA LEU A 183 -17.55 3.97 26.42
C LEU A 183 -16.78 4.72 27.49
N ILE A 184 -15.46 4.73 27.36
CA ILE A 184 -14.58 5.33 28.36
C ILE A 184 -14.45 6.83 28.09
N PRO A 185 -14.69 7.69 29.08
CA PRO A 185 -14.50 9.12 28.87
C PRO A 185 -13.12 9.63 29.27
N LEU A 186 -12.62 10.59 28.49
CA LEU A 186 -11.31 11.17 28.76
C LEU A 186 -11.25 12.68 28.59
N ASN A 187 -12.36 13.35 28.28
CA ASN A 187 -12.43 14.80 28.09
C ASN A 187 -11.46 15.28 27.01
N THR A 188 -11.56 14.68 25.82
CA THR A 188 -10.65 15.01 24.72
C THR A 188 -11.06 16.26 23.96
N LEU A 189 -12.27 16.78 24.16
CA LEU A 189 -12.71 17.96 23.44
C LEU A 189 -12.27 19.27 24.10
N ASN A 190 -11.76 19.22 25.33
CA ASN A 190 -11.35 20.43 26.04
C ASN A 190 -9.95 20.38 26.63
N LYS A 191 -9.34 19.21 26.77
CA LYS A 191 -8.04 19.08 27.42
C LYS A 191 -7.03 18.49 26.44
N GLU A 192 -5.87 19.13 26.35
CA GLU A 192 -4.81 18.69 25.46
C GLU A 192 -3.96 17.63 26.16
N GLN A 193 -3.75 16.49 25.50
CA GLN A 193 -3.09 15.37 26.15
C GLN A 193 -2.46 14.46 25.09
N VAL A 194 -1.52 13.65 25.56
CA VAL A 194 -0.83 12.64 24.74
C VAL A 194 -1.07 11.28 25.39
N VAL A 195 -1.57 10.33 24.60
CA VAL A 195 -1.83 8.97 25.06
C VAL A 195 -0.93 8.03 24.25
N ILE A 196 -0.08 7.28 24.95
CA ILE A 196 0.91 6.40 24.33
C ILE A 196 0.43 4.95 24.45
N GLY A 197 0.52 4.20 23.36
CA GLY A 197 0.15 2.80 23.42
C GLY A 197 0.74 2.00 22.28
N HIS A 198 0.61 0.67 22.41
CA HIS A 198 1.01 -0.26 21.36
C HIS A 198 -0.25 -0.67 20.60
N ASN A 199 -0.24 -0.42 19.29
CA ASN A 199 -1.44 -0.54 18.44
C ASN A 199 -2.57 0.31 19.02
N VAL A 200 -2.33 1.62 19.07
CA VAL A 200 -3.14 2.52 19.87
C VAL A 200 -4.48 2.85 19.21
N ALA A 201 -4.65 2.57 17.92
CA ALA A 201 -5.91 2.86 17.25
C ALA A 201 -7.05 2.00 17.80
N TYR A 202 -6.74 0.76 18.17
CA TYR A 202 -7.76 -0.11 18.76
C TYR A 202 -8.25 0.44 20.09
N ASP A 203 -7.37 1.08 20.85
CA ASP A 203 -7.77 1.74 22.10
C ASP A 203 -8.49 3.06 21.84
N ARG A 204 -8.09 3.78 20.79
CA ARG A 204 -8.76 5.03 20.42
C ARG A 204 -10.20 4.78 20.00
N ALA A 205 -10.47 3.63 19.37
CA ALA A 205 -11.82 3.31 18.92
C ALA A 205 -12.81 3.11 20.07
N ARG A 206 -12.33 3.00 21.31
CA ARG A 206 -13.19 2.76 22.47
C ARG A 206 -13.32 3.98 23.38
N VAL A 207 -13.10 5.18 22.86
CA VAL A 207 -13.16 6.42 23.64
C VAL A 207 -14.46 7.14 23.32
N LEU A 208 -15.15 7.63 24.36
CA LEU A 208 -16.48 8.20 24.20
C LEU A 208 -16.46 9.48 23.38
N GLU A 209 -15.55 10.40 23.68
CA GLU A 209 -15.58 11.72 23.07
C GLU A 209 -14.91 11.78 21.70
N GLU A 210 -14.41 10.65 21.19
CA GLU A 210 -13.87 10.62 19.83
C GLU A 210 -14.96 10.55 18.78
N TYR A 211 -16.22 10.34 19.16
CA TYR A 211 -17.32 10.23 18.21
C TYR A 211 -18.01 11.58 18.03
N ASN A 212 -17.23 12.54 17.53
CA ASN A 212 -17.71 13.88 17.25
C ASN A 212 -17.18 14.32 15.89
N PHE A 213 -18.00 15.09 15.17
CA PHE A 213 -17.51 15.73 13.95
C PHE A 213 -16.60 16.91 14.26
N ARG A 214 -16.75 17.52 15.44
CA ARG A 214 -15.85 18.57 15.87
C ARG A 214 -14.48 17.99 16.22
N ASP A 215 -13.43 18.74 15.90
CA ASP A 215 -12.06 18.24 16.03
C ASP A 215 -11.68 18.04 17.49
N SER A 216 -10.80 17.07 17.73
CA SER A 216 -10.35 16.70 19.06
C SER A 216 -9.04 17.40 19.40
N LYS A 217 -8.60 17.23 20.66
CA LYS A 217 -7.40 17.87 21.16
C LYS A 217 -6.42 16.88 21.77
N ALA A 218 -6.55 15.60 21.46
CA ALA A 218 -5.68 14.57 22.01
C ALA A 218 -4.84 13.94 20.91
N PHE A 219 -3.64 13.49 21.28
CA PHE A 219 -2.71 12.87 20.34
C PHE A 219 -2.45 11.45 20.79
N PHE A 220 -2.82 10.47 19.97
CA PHE A 220 -2.59 9.06 20.24
C PHE A 220 -1.34 8.61 19.50
N LEU A 221 -0.35 8.13 20.24
CA LEU A 221 0.96 7.76 19.70
C LEU A 221 1.18 6.26 19.80
N ASP A 222 1.78 5.69 18.77
CA ASP A 222 1.94 4.25 18.61
C ASP A 222 3.43 3.88 18.62
N THR A 223 3.78 2.90 19.44
CA THR A 223 5.17 2.45 19.51
C THR A 223 5.54 1.54 18.33
N GLN A 224 4.57 0.81 17.77
CA GLN A 224 4.86 -0.12 16.69
C GLN A 224 5.36 0.62 15.45
N SER A 225 4.74 1.76 15.13
CA SER A 225 5.19 2.55 13.99
C SER A 225 6.61 3.06 14.19
N LEU A 226 6.93 3.51 15.40
CA LEU A 226 8.28 3.98 15.69
C LEU A 226 9.30 2.85 15.55
N HIS A 227 8.96 1.67 16.07
CA HIS A 227 9.84 0.52 15.95
C HIS A 227 10.07 0.12 14.51
N ILE A 228 9.00 0.08 13.70
CA ILE A 228 9.16 -0.30 12.29
C ILE A 228 10.00 0.73 11.56
N ALA A 229 9.68 2.02 11.72
CA ALA A 229 10.40 3.06 11.00
C ALA A 229 11.87 3.12 11.39
N SER A 230 12.19 2.80 12.63
CA SER A 230 13.59 2.84 13.05
C SER A 230 14.35 1.59 12.64
N PHE A 231 13.83 0.40 12.94
CA PHE A 231 14.63 -0.81 12.85
C PHE A 231 14.29 -1.72 11.66
N GLY A 232 13.24 -1.44 10.89
CA GLY A 232 13.01 -2.20 9.66
C GLY A 232 12.41 -3.57 9.85
N LEU A 233 12.78 -4.25 10.94
CA LEU A 233 12.24 -5.54 11.35
C LEU A 233 12.48 -6.62 10.31
N CYS A 234 13.51 -6.44 9.47
CA CYS A 234 13.82 -7.28 8.31
C CYS A 234 12.57 -7.55 7.45
N SER A 235 11.69 -6.55 7.37
CA SER A 235 10.42 -6.69 6.64
C SER A 235 10.62 -6.25 5.19
N ARG A 236 11.39 -7.07 4.47
CA ARG A 236 11.80 -6.84 3.05
C ARG A 236 10.92 -7.69 2.14
N GLN A 237 9.98 -8.45 2.73
CA GLN A 237 9.02 -9.33 2.04
C GLN A 237 9.71 -10.18 0.96
N ARG A 238 10.81 -10.79 1.36
CA ARG A 238 11.59 -11.71 0.54
C ARG A 238 12.01 -12.77 1.55
N PRO A 239 12.55 -13.94 1.17
CA PRO A 239 13.03 -14.89 2.18
C PRO A 239 14.08 -14.37 3.17
N MET A 240 14.51 -13.11 3.07
CA MET A 240 15.20 -12.45 4.18
C MET A 240 14.40 -12.57 5.46
N PHE A 241 13.08 -12.41 5.38
CA PHE A 241 12.22 -12.59 6.54
C PHE A 241 12.16 -14.06 6.96
N MET A 242 12.40 -14.99 6.03
CA MET A 242 12.40 -16.42 6.34
C MET A 242 13.66 -16.85 7.07
N LYS A 243 14.81 -16.26 6.74
CA LYS A 243 16.06 -16.63 7.40
C LYS A 243 16.03 -16.32 8.89
N ASN A 244 15.33 -15.26 9.29
CA ASN A 244 15.23 -14.94 10.71
C ASN A 244 14.51 -16.05 11.47
N ASN A 245 13.38 -16.51 10.93
CA ASN A 245 12.63 -17.60 11.57
C ASN A 245 13.42 -18.89 11.56
N LYS A 246 14.12 -19.18 10.45
CA LYS A 246 14.92 -20.39 10.39
C LYS A 246 16.06 -20.37 11.40
N LYS A 247 16.72 -19.22 11.55
CA LYS A 247 17.80 -19.09 12.53
C LYS A 247 17.28 -19.21 13.95
N LYS A 248 16.11 -18.63 14.24
CA LYS A 248 15.51 -18.79 15.56
C LYS A 248 15.17 -20.25 15.85
N GLU A 249 14.63 -20.96 14.86
CA GLU A 249 14.34 -22.38 15.04
C GLU A 249 15.62 -23.17 15.27
N ALA A 250 16.69 -22.85 14.55
CA ALA A 250 17.97 -23.53 14.75
C ALA A 250 18.53 -23.28 16.14
N GLU A 251 18.43 -22.04 16.63
CA GLU A 251 18.93 -21.73 17.97
C GLU A 251 18.11 -22.42 19.04
N VAL A 252 16.78 -22.48 18.88
CA VAL A 252 15.94 -23.16 19.87
C VAL A 252 16.21 -24.66 19.86
N GLU A 253 16.42 -25.24 18.68
CA GLU A 253 16.67 -26.67 18.58
C GLU A 253 17.97 -27.07 19.27
N SER A 254 19.02 -26.28 19.12
CA SER A 254 20.29 -26.57 19.75
C SER A 254 20.24 -26.30 21.24
N GLU A 255 20.77 -27.24 22.03
CA GLU A 255 20.80 -27.12 23.48
C GLU A 255 22.13 -26.59 24.00
N VAL A 256 23.07 -26.26 23.11
CA VAL A 256 24.38 -25.76 23.50
C VAL A 256 24.70 -24.55 22.63
N HIS A 257 25.42 -23.58 23.21
CA HIS A 257 25.80 -22.36 22.52
C HIS A 257 27.31 -22.34 22.29
N PRO A 258 27.79 -22.66 21.10
CA PRO A 258 29.23 -22.62 20.85
C PRO A 258 29.77 -21.18 20.85
N GLU A 259 31.04 -21.06 21.20
CA GLU A 259 31.69 -19.75 21.17
C GLU A 259 31.82 -19.23 19.75
N ILE A 260 32.18 -20.09 18.81
CA ILE A 260 32.25 -19.71 17.40
C ILE A 260 30.88 -19.85 16.77
N SER A 261 30.49 -18.85 15.98
CA SER A 261 29.17 -18.80 15.38
C SER A 261 29.29 -18.88 13.86
N ILE A 262 28.49 -19.75 13.26
CA ILE A 262 28.44 -19.91 11.82
C ILE A 262 27.19 -19.18 11.31
N GLU A 263 27.29 -18.61 10.11
CA GLU A 263 26.28 -17.83 9.40
C GLU A 263 26.03 -16.46 10.02
N ASP A 264 26.71 -16.11 11.12
CA ASP A 264 26.67 -14.74 11.61
C ASP A 264 27.68 -13.86 10.89
N TYR A 265 28.79 -14.45 10.44
CA TYR A 265 29.73 -13.73 9.58
C TYR A 265 29.10 -13.40 8.23
N ASP A 266 28.33 -14.33 7.67
CA ASP A 266 27.72 -14.10 6.36
C ASP A 266 26.57 -13.10 6.45
N ASP A 267 25.76 -13.16 7.50
CA ASP A 267 24.56 -12.35 7.64
C ASP A 267 24.53 -11.68 9.00
N PRO A 268 25.25 -10.56 9.16
CA PRO A 268 25.20 -9.83 10.44
C PRO A 268 23.83 -9.29 10.79
N TRP A 269 23.01 -8.98 9.79
CA TRP A 269 21.71 -8.35 10.02
C TRP A 269 20.76 -9.24 10.83
N LEU A 270 21.06 -10.54 10.95
CA LEU A 270 20.29 -11.43 11.80
C LEU A 270 20.33 -11.01 13.27
N ASN A 271 21.34 -10.25 13.69
CA ASN A 271 21.46 -9.85 15.09
C ASN A 271 20.84 -8.50 15.39
N VAL A 272 20.26 -7.81 14.41
CA VAL A 272 19.70 -6.48 14.64
C VAL A 272 18.23 -6.42 14.24
N SER A 273 17.54 -7.56 14.33
CA SER A 273 16.15 -7.63 13.88
C SER A 273 15.31 -8.41 14.89
N ALA A 274 14.00 -8.23 14.79
CA ALA A 274 13.03 -8.90 15.65
C ALA A 274 11.73 -9.06 14.86
N LEU A 275 10.64 -9.32 15.56
CA LEU A 275 9.31 -9.36 14.96
C LEU A 275 8.46 -8.20 15.47
N ASN A 276 7.27 -8.06 14.89
CA ASN A 276 6.41 -6.91 15.15
C ASN A 276 5.65 -7.00 16.47
N SER A 277 5.48 -8.20 17.02
CA SER A 277 4.66 -8.36 18.21
C SER A 277 5.33 -7.75 19.44
N LEU A 278 4.50 -7.36 20.41
CA LEU A 278 4.99 -6.64 21.59
C LEU A 278 5.96 -7.47 22.41
N LYS A 279 5.72 -8.79 22.51
CA LYS A 279 6.60 -9.66 23.27
C LYS A 279 8.01 -9.68 22.66
N ASP A 280 8.09 -9.79 21.34
CA ASP A 280 9.39 -9.80 20.66
C ASP A 280 10.11 -8.47 20.81
N VAL A 281 9.39 -7.35 20.71
CA VAL A 281 10.01 -6.04 20.87
C VAL A 281 10.54 -5.86 22.29
N ALA A 282 9.76 -6.27 23.29
CA ALA A 282 10.21 -6.17 24.67
C ALA A 282 11.43 -7.06 24.92
N LYS A 283 11.41 -8.29 24.39
CA LYS A 283 12.54 -9.19 24.57
C LYS A 283 13.80 -8.66 23.90
N PHE A 284 13.64 -8.03 22.73
CA PHE A 284 14.80 -7.50 22.02
C PHE A 284 15.37 -6.28 22.73
N HIS A 285 14.56 -5.24 22.96
CA HIS A 285 15.10 -3.99 23.48
C HIS A 285 15.35 -4.04 24.98
N CYS A 286 14.40 -4.52 25.77
CA CYS A 286 14.47 -4.38 27.22
C CYS A 286 14.70 -5.69 27.96
N LYS A 287 14.81 -6.82 27.24
CA LYS A 287 15.12 -8.13 27.82
C LYS A 287 14.10 -8.56 28.88
N ILE A 288 12.82 -8.28 28.62
CA ILE A 288 11.74 -8.69 29.50
C ILE A 288 11.02 -9.88 28.89
N ASP A 289 10.85 -10.94 29.68
CA ASP A 289 10.08 -12.11 29.27
C ASP A 289 8.62 -11.88 29.67
N LEU A 290 7.77 -11.66 28.68
CA LEU A 290 6.37 -11.30 28.89
C LEU A 290 5.50 -12.52 28.59
N ASP A 291 4.91 -13.09 29.63
CA ASP A 291 4.11 -14.30 29.49
C ASP A 291 2.74 -13.93 28.92
N LYS A 292 2.24 -14.77 28.03
CA LYS A 292 0.93 -14.61 27.40
C LYS A 292 0.16 -15.91 27.59
N THR A 293 -0.59 -16.00 28.70
CA THR A 293 -1.32 -17.22 29.02
C THR A 293 -2.79 -16.90 29.30
N ASP A 294 -3.06 -15.73 29.86
CA ASP A 294 -4.38 -15.36 30.31
C ASP A 294 -5.30 -14.88 29.19
N ARG A 295 -4.79 -14.76 27.97
CA ARG A 295 -5.58 -14.20 26.87
C ARG A 295 -6.78 -15.07 26.50
N ASP A 296 -6.79 -16.35 26.90
CA ASP A 296 -7.96 -17.19 26.69
C ASP A 296 -9.12 -16.85 27.62
N PHE A 297 -8.85 -16.26 28.79
CA PHE A 297 -9.93 -15.93 29.72
C PHE A 297 -10.91 -14.91 29.15
N PHE A 298 -10.49 -14.12 28.16
CA PHE A 298 -11.37 -13.15 27.52
C PHE A 298 -12.07 -13.72 26.30
N ALA A 299 -11.94 -15.03 26.05
CA ALA A 299 -12.66 -15.68 24.98
C ALA A 299 -13.94 -16.36 25.45
N SER A 300 -14.29 -16.21 26.73
CA SER A 300 -15.44 -16.87 27.30
C SER A 300 -16.74 -16.18 26.89
N THR A 301 -17.85 -16.86 27.14
CA THR A 301 -19.17 -16.34 26.85
C THR A 301 -19.90 -15.85 28.10
N ASP A 302 -19.63 -16.45 29.26
CA ASP A 302 -20.30 -16.10 30.50
C ASP A 302 -19.45 -15.09 31.26
N LYS A 303 -20.09 -14.04 31.77
CA LYS A 303 -19.38 -12.96 32.44
C LYS A 303 -19.02 -13.29 33.89
N SER A 304 -19.57 -14.37 34.46
CA SER A 304 -19.20 -14.74 35.83
C SER A 304 -17.75 -15.22 35.92
N THR A 305 -17.18 -15.68 34.80
CA THR A 305 -15.77 -16.04 34.78
C THR A 305 -14.90 -14.82 35.04
N ILE A 306 -15.26 -13.67 34.46
CA ILE A 306 -14.47 -12.44 34.62
C ILE A 306 -14.57 -11.91 36.05
N ILE A 307 -15.70 -12.16 36.73
CA ILE A 307 -15.87 -11.69 38.11
C ILE A 307 -14.84 -12.32 39.03
N GLU A 308 -14.63 -13.63 38.89
CA GLU A 308 -13.49 -14.27 39.54
C GLU A 308 -12.23 -13.99 38.74
N ASN A 309 -11.08 -14.22 39.37
CA ASN A 309 -9.76 -13.96 38.78
C ASN A 309 -9.60 -12.50 38.36
N PHE A 310 -10.24 -11.59 39.10
CA PHE A 310 -10.21 -10.17 38.76
C PHE A 310 -8.83 -9.57 38.98
N GLN A 311 -8.22 -9.88 40.13
CA GLN A 311 -6.92 -9.33 40.47
C GLN A 311 -5.85 -9.78 39.50
N LYS A 312 -5.90 -11.06 39.09
CA LYS A 312 -4.93 -11.60 38.14
C LYS A 312 -5.00 -10.87 36.80
N LEU A 313 -6.21 -10.65 36.29
CA LEU A 313 -6.37 -9.98 35.01
C LEU A 313 -5.92 -8.52 35.08
N VAL A 314 -6.25 -7.83 36.18
CA VAL A 314 -5.82 -6.44 36.33
C VAL A 314 -4.29 -6.35 36.41
N ASN A 315 -3.67 -7.29 37.14
CA ASN A 315 -2.21 -7.29 37.24
C ASN A 315 -1.57 -7.58 35.89
N TYR A 316 -2.16 -8.48 35.11
CA TYR A 316 -1.69 -8.76 33.75
C TYR A 316 -1.72 -7.51 32.87
N CYS A 317 -2.83 -6.77 32.91
CA CYS A 317 -2.94 -5.57 32.09
C CYS A 317 -1.96 -4.49 32.53
N ALA A 318 -1.76 -4.35 33.85
CA ALA A 318 -0.79 -3.38 34.35
C ALA A 318 0.64 -3.75 33.96
N THR A 319 0.94 -5.05 33.95
CA THR A 319 2.26 -5.50 33.49
C THR A 319 2.47 -5.15 32.02
N ASP A 320 1.42 -5.32 31.20
CA ASP A 320 1.51 -4.89 29.80
C ASP A 320 1.80 -3.40 29.70
N VAL A 321 1.13 -2.59 30.53
CA VAL A 321 1.34 -1.14 30.53
C VAL A 321 2.80 -0.82 30.87
N THR A 322 3.34 -1.48 31.90
CA THR A 322 4.72 -1.25 32.32
C THR A 322 5.70 -1.61 31.21
N ALA A 323 5.48 -2.74 30.54
CA ALA A 323 6.37 -3.14 29.44
C ALA A 323 6.32 -2.13 28.30
N THR A 324 5.12 -1.64 27.97
CA THR A 324 5.00 -0.65 26.89
C THR A 324 5.74 0.64 27.24
N SER A 325 5.63 1.09 28.48
CA SER A 325 6.33 2.31 28.89
C SER A 325 7.85 2.13 28.79
N GLN A 326 8.36 0.99 29.27
CA GLN A 326 9.80 0.76 29.21
C GLN A 326 10.31 0.63 27.78
N VAL A 327 9.50 0.08 26.86
CA VAL A 327 9.91 0.02 25.46
C VAL A 327 9.94 1.42 24.85
N PHE A 328 8.92 2.24 25.12
CA PHE A 328 8.86 3.57 24.53
C PHE A 328 10.03 4.43 24.98
N ASP A 329 10.40 4.34 26.27
CA ASP A 329 11.49 5.15 26.81
C ASP A 329 12.83 4.87 26.14
N LYS A 330 12.98 3.72 25.46
CA LYS A 330 14.18 3.42 24.69
C LYS A 330 14.01 3.70 23.20
N ILE A 331 12.82 3.47 22.65
CA ILE A 331 12.63 3.63 21.21
C ILE A 331 12.66 5.10 20.80
N PHE A 332 12.02 5.98 21.59
CA PHE A 332 11.72 7.34 21.09
C PHE A 332 12.95 8.19 20.71
N PRO A 333 14.04 8.27 21.50
CA PRO A 333 15.18 9.09 21.06
C PRO A 333 15.82 8.65 19.74
N VAL A 334 15.82 7.34 19.44
CA VAL A 334 16.36 6.88 18.18
C VAL A 334 15.54 7.42 17.01
N PHE A 335 14.21 7.39 17.14
CA PHE A 335 13.35 7.95 16.11
C PHE A 335 13.58 9.45 15.95
N LEU A 336 13.78 10.17 17.07
CA LEU A 336 14.14 11.58 16.94
C LEU A 336 15.48 11.77 16.23
N LYS A 337 16.40 10.82 16.39
CA LYS A 337 17.71 10.94 15.75
C LYS A 337 17.62 10.72 14.23
N LYS A 338 16.88 9.69 13.80
CA LYS A 338 16.82 9.40 12.36
C LYS A 338 16.05 10.46 11.59
N CYS A 339 14.94 10.96 12.14
CA CYS A 339 14.09 11.94 11.45
C CYS A 339 14.06 13.23 12.26
N PRO A 340 14.93 14.18 11.95
CA PRO A 340 15.01 15.42 12.75
C PRO A 340 14.19 16.59 12.22
N HIS A 341 13.41 16.42 11.16
CA HIS A 341 12.67 17.56 10.67
C HIS A 341 11.28 17.64 11.32
N PRO A 342 10.84 18.85 11.69
CA PRO A 342 9.53 18.99 12.36
C PRO A 342 8.34 18.59 11.50
N VAL A 343 8.48 18.65 10.17
CA VAL A 343 7.38 18.31 9.28
C VAL A 343 7.01 16.83 9.41
N SER A 344 7.99 15.97 9.67
CA SER A 344 7.71 14.56 9.88
C SER A 344 6.82 14.34 11.10
N PHE A 345 7.14 15.02 12.21
CA PHE A 345 6.33 14.91 13.42
C PHE A 345 4.94 15.49 13.21
N ALA A 346 4.86 16.62 12.49
CA ALA A 346 3.56 17.22 12.22
C ALA A 346 2.69 16.32 11.35
N GLY A 347 3.28 15.69 10.34
CA GLY A 347 2.53 14.76 9.50
C GLY A 347 2.11 13.50 10.25
N LEU A 348 2.98 13.02 11.15
CA LEU A 348 2.61 11.89 12.00
C LEU A 348 1.41 12.24 12.88
N LYS A 349 1.39 13.45 13.43
CA LYS A 349 0.24 13.88 14.22
C LYS A 349 -1.01 14.01 13.35
N SER A 350 -0.85 14.54 12.13
CA SER A 350 -2.01 14.77 11.27
C SER A 350 -2.64 13.46 10.80
N LEU A 351 -1.83 12.45 10.50
CA LEU A 351 -2.36 11.20 9.96
C LEU A 351 -2.94 10.27 11.03
N SER A 352 -2.88 10.65 12.31
CA SER A 352 -3.35 9.80 13.39
C SER A 352 -4.79 10.08 13.80
N LYS A 353 -5.51 10.92 13.07
CA LYS A 353 -6.90 11.26 13.41
C LYS A 353 -7.73 11.26 12.13
N CYS A 354 -8.57 10.24 11.97
CA CYS A 354 -9.45 10.12 10.82
C CYS A 354 -10.83 9.67 11.28
N ILE A 355 -11.84 9.95 10.45
CA ILE A 355 -13.23 9.68 10.80
C ILE A 355 -13.99 9.32 9.53
N LEU A 356 -14.93 8.38 9.64
CA LEU A 356 -15.74 7.97 8.50
C LEU A 356 -17.23 8.06 8.84
N PRO A 357 -17.94 9.08 8.35
CA PRO A 357 -19.38 9.16 8.59
C PRO A 357 -20.17 8.27 7.63
N THR A 358 -21.06 7.45 8.18
CA THR A 358 -21.87 6.51 7.40
C THR A 358 -23.29 6.52 7.96
N LYS A 359 -24.11 5.60 7.44
CA LYS A 359 -25.48 5.37 7.91
C LYS A 359 -25.67 3.88 8.15
N LEU A 360 -26.57 3.55 9.07
CA LEU A 360 -26.65 2.19 9.61
C LEU A 360 -27.49 1.27 8.74
N ASN A 361 -28.71 1.70 8.41
CA ASN A 361 -29.64 0.84 7.68
C ASN A 361 -29.14 0.52 6.28
N ASP A 362 -28.55 1.51 5.61
CA ASP A 362 -27.97 1.29 4.29
C ASP A 362 -26.83 0.27 4.35
N TRP A 363 -26.01 0.36 5.39
CA TRP A 363 -24.91 -0.58 5.58
C TRP A 363 -25.44 -2.00 5.77
N ASN A 364 -26.48 -2.16 6.59
CA ASN A 364 -27.07 -3.48 6.80
C ASN A 364 -27.68 -4.04 5.52
N ASP A 365 -28.38 -3.21 4.76
CA ASP A 365 -28.99 -3.68 3.51
C ASP A 365 -27.93 -4.09 2.49
N TYR A 366 -26.84 -3.31 2.40
CA TYR A 366 -25.75 -3.65 1.50
C TYR A 366 -25.11 -4.98 1.88
N LEU A 367 -24.88 -5.20 3.17
CA LEU A 367 -24.32 -6.46 3.63
C LEU A 367 -25.24 -7.64 3.29
N ASN A 368 -26.56 -7.46 3.52
CA ASN A 368 -27.51 -8.53 3.28
C ASN A 368 -27.55 -8.92 1.81
N SER A 369 -27.62 -7.93 0.92
CA SER A 369 -27.67 -8.22 -0.52
C SER A 369 -26.38 -8.89 -0.99
N SER A 370 -25.23 -8.39 -0.52
CA SER A 370 -23.94 -8.93 -0.95
C SER A 370 -23.79 -10.39 -0.53
N GLU A 371 -24.25 -10.74 0.68
CA GLU A 371 -24.16 -12.14 1.08
C GLU A 371 -25.17 -13.01 0.33
N SER A 372 -26.39 -12.50 0.13
CA SER A 372 -27.47 -13.31 -0.45
C SER A 372 -27.13 -13.74 -1.87
N LEU A 373 -26.65 -12.81 -2.71
CA LEU A 373 -26.36 -13.17 -4.10
C LEU A 373 -25.24 -14.21 -4.18
N TYR A 374 -24.22 -14.06 -3.36
CA TYR A 374 -23.07 -14.97 -3.37
C TYR A 374 -23.50 -16.38 -3.00
N GLN A 375 -24.26 -16.53 -1.90
CA GLN A 375 -24.68 -17.88 -1.51
C GLN A 375 -25.65 -18.48 -2.53
N GLN A 376 -26.52 -17.64 -3.12
CA GLN A 376 -27.47 -18.12 -4.12
C GLN A 376 -26.76 -18.72 -5.33
N SER A 377 -25.68 -18.08 -5.78
CA SER A 377 -24.93 -18.64 -6.90
C SER A 377 -24.18 -19.90 -6.50
N LYS A 378 -23.53 -19.88 -5.33
CA LYS A 378 -22.61 -20.95 -4.95
C LYS A 378 -23.35 -22.26 -4.73
N VAL A 379 -24.45 -22.22 -3.97
CA VAL A 379 -25.21 -23.45 -3.70
C VAL A 379 -25.78 -24.02 -4.98
N GLN A 380 -26.24 -23.15 -5.87
CA GLN A 380 -26.84 -23.59 -7.14
C GLN A 380 -25.84 -24.34 -8.00
N ILE A 381 -24.59 -23.86 -8.09
CA ILE A 381 -23.62 -24.60 -8.90
C ILE A 381 -23.18 -25.89 -8.21
N GLU A 382 -23.03 -25.86 -6.87
CA GLU A 382 -22.51 -27.04 -6.18
C GLU A 382 -23.51 -28.19 -6.20
N SER A 383 -24.81 -27.90 -6.20
CA SER A 383 -25.80 -28.96 -6.29
C SER A 383 -25.66 -29.76 -7.58
N LYS A 384 -25.45 -29.07 -8.70
CA LYS A 384 -25.31 -29.76 -9.99
C LYS A 384 -24.01 -30.54 -10.05
N ILE A 385 -22.91 -30.00 -9.49
CA ILE A 385 -21.68 -30.77 -9.49
C ILE A 385 -21.82 -32.06 -8.66
N VAL A 386 -22.47 -31.96 -7.50
CA VAL A 386 -22.70 -33.16 -6.68
C VAL A 386 -23.59 -34.15 -7.41
N GLN A 387 -24.60 -33.67 -8.15
CA GLN A 387 -25.45 -34.56 -8.93
C GLN A 387 -24.66 -35.31 -10.00
N ILE A 388 -23.75 -34.61 -10.69
CA ILE A 388 -22.93 -35.27 -11.71
C ILE A 388 -22.04 -36.33 -11.07
N ILE A 389 -21.43 -36.02 -9.93
CA ILE A 389 -20.60 -37.00 -9.23
C ILE A 389 -21.41 -38.22 -8.84
N LYS A 390 -22.64 -38.01 -8.35
CA LYS A 390 -23.50 -39.12 -7.96
C LYS A 390 -23.86 -40.00 -9.15
N ASP A 391 -24.16 -39.39 -10.31
CA ASP A 391 -24.45 -40.20 -11.49
C ASP A 391 -23.22 -40.97 -11.97
N ILE A 392 -22.04 -40.38 -11.89
CA ILE A 392 -20.83 -41.07 -12.36
C ILE A 392 -20.49 -42.24 -11.44
N ALA A 393 -20.63 -42.07 -10.13
CA ALA A 393 -20.15 -43.08 -9.19
C ALA A 393 -21.01 -44.33 -9.12
N LEU A 394 -22.03 -44.48 -9.96
CA LEU A 394 -22.95 -45.62 -9.88
C LEU A 394 -22.55 -46.78 -10.78
N LEU A 395 -21.60 -46.60 -11.70
CA LEU A 395 -21.28 -47.58 -12.72
C LEU A 395 -20.07 -48.43 -12.36
N LYS A 396 -19.74 -48.56 -11.07
CA LYS A 396 -18.55 -49.29 -10.65
C LYS A 396 -18.65 -50.79 -10.91
N ASP A 397 -19.85 -51.33 -11.07
CA ASP A 397 -20.02 -52.77 -11.23
C ASP A 397 -19.68 -53.29 -12.63
N LYS A 398 -19.56 -52.41 -13.62
CA LYS A 398 -19.18 -52.83 -14.97
C LYS A 398 -17.77 -52.33 -15.28
N PRO A 399 -16.74 -53.18 -15.18
CA PRO A 399 -15.39 -52.73 -15.53
C PRO A 399 -15.20 -52.41 -16.99
N ASP A 400 -16.00 -53.01 -17.88
CA ASP A 400 -15.79 -52.82 -19.31
C ASP A 400 -16.21 -51.43 -19.80
N PHE A 401 -17.21 -50.83 -19.16
CA PHE A 401 -17.75 -49.58 -19.65
C PHE A 401 -16.79 -48.42 -19.42
N TYR A 402 -16.15 -48.36 -18.26
CA TYR A 402 -15.31 -47.22 -17.91
C TYR A 402 -13.84 -47.42 -18.29
N LEU A 403 -13.44 -48.64 -18.65
CA LEU A 403 -12.04 -48.87 -19.03
C LEU A 403 -11.73 -48.43 -20.45
N LYS A 404 -12.75 -48.08 -21.25
CA LYS A 404 -12.54 -47.59 -22.60
C LYS A 404 -12.63 -46.07 -22.70
N ASP A 405 -13.19 -45.42 -21.69
CA ASP A 405 -13.31 -43.96 -21.73
C ASP A 405 -11.95 -43.31 -21.52
N PRO A 406 -11.56 -42.36 -22.37
CA PRO A 406 -10.25 -41.70 -22.19
C PRO A 406 -10.13 -40.90 -20.91
N TRP A 407 -11.24 -40.35 -20.39
CA TRP A 407 -11.18 -39.56 -19.16
C TRP A 407 -11.38 -40.41 -17.91
N LEU A 408 -12.29 -41.37 -17.95
CA LEU A 408 -12.61 -42.16 -16.76
C LEU A 408 -11.54 -43.20 -16.44
N SER A 409 -10.57 -43.42 -17.33
CA SER A 409 -9.55 -44.43 -17.11
C SER A 409 -8.40 -43.94 -16.22
N GLN A 410 -8.39 -42.66 -15.84
CA GLN A 410 -7.33 -42.10 -15.02
C GLN A 410 -7.69 -42.08 -13.54
N LEU A 411 -8.78 -42.72 -13.14
CA LEU A 411 -9.23 -42.74 -11.76
C LEU A 411 -8.79 -44.02 -11.07
N ASP A 412 -8.62 -43.93 -9.75
CA ASP A 412 -8.15 -45.05 -8.94
C ASP A 412 -9.35 -45.93 -8.60
N TRP A 413 -9.55 -46.97 -9.41
CA TRP A 413 -10.68 -47.88 -9.23
C TRP A 413 -10.26 -49.13 -8.46
N THR A 414 -9.81 -48.92 -7.22
CA THR A 414 -9.36 -50.00 -6.35
C THR A 414 -10.19 -50.04 -5.09
N THR A 415 -10.55 -51.24 -4.66
CA THR A 415 -11.35 -51.45 -3.45
C THR A 415 -10.60 -52.38 -2.51
N LYS A 416 -10.60 -52.03 -1.21
CA LYS A 416 -9.97 -52.86 -0.19
C LYS A 416 -10.96 -53.85 0.41
N PRO A 417 -10.49 -54.99 0.89
CA PRO A 417 -11.39 -55.95 1.52
C PRO A 417 -11.92 -55.46 2.85
N LEU A 418 -13.06 -56.00 3.24
CA LEU A 418 -13.66 -55.68 4.53
C LEU A 418 -12.94 -56.45 5.64
N ARG A 419 -12.53 -55.74 6.68
CA ARG A 419 -11.82 -56.36 7.78
C ARG A 419 -12.73 -57.31 8.56
N LEU A 420 -12.14 -58.36 9.10
CA LEU A 420 -12.85 -59.35 9.90
C LEU A 420 -12.07 -59.60 11.17
N THR A 421 -12.71 -59.40 12.32
CA THR A 421 -12.09 -59.60 13.62
C THR A 421 -12.85 -60.68 14.39
N LYS A 422 -12.12 -61.71 14.83
CA LYS A 422 -12.61 -62.85 15.61
C LYS A 422 -13.96 -63.38 15.10
N LYS A 423 -14.03 -63.53 13.76
CA LYS A 423 -15.23 -64.00 13.06
C LYS A 423 -16.43 -63.10 13.37
N GLY A 424 -16.20 -61.79 13.40
CA GLY A 424 -17.26 -60.84 13.65
C GLY A 424 -16.98 -59.53 12.97
N VAL A 425 -18.02 -58.70 12.89
CA VAL A 425 -17.88 -57.38 12.28
C VAL A 425 -17.04 -56.49 13.19
N PRO A 426 -15.94 -55.90 12.70
CA PRO A 426 -15.11 -55.05 13.57
C PRO A 426 -15.78 -53.74 13.92
N ALA A 427 -16.38 -53.07 12.94
CA ALA A 427 -17.06 -51.79 13.11
C ALA A 427 -16.16 -50.76 13.80
N LYS A 428 -14.91 -50.72 13.39
CA LYS A 428 -13.90 -49.86 14.01
C LYS A 428 -13.47 -48.82 12.97
N CYS A 429 -14.26 -47.74 12.89
CA CYS A 429 -13.94 -46.54 12.11
C CYS A 429 -13.65 -46.85 10.64
N GLN A 430 -14.41 -47.78 10.07
CA GLN A 430 -14.33 -48.06 8.64
C GLN A 430 -15.32 -47.14 7.93
N LYS A 431 -14.81 -46.22 7.12
CA LYS A 431 -15.63 -45.17 6.56
C LYS A 431 -16.51 -45.68 5.42
N LEU A 432 -15.90 -46.27 4.39
CA LEU A 432 -16.65 -46.76 3.23
C LEU A 432 -15.99 -48.02 2.70
N PRO A 433 -16.31 -49.18 3.26
CA PRO A 433 -15.79 -50.43 2.73
C PRO A 433 -16.42 -50.78 1.39
N GLY A 434 -15.62 -51.42 0.54
CA GLY A 434 -16.10 -51.88 -0.76
C GLY A 434 -16.50 -50.77 -1.70
N PHE A 435 -15.73 -49.69 -1.75
CA PHE A 435 -16.01 -48.55 -2.61
C PHE A 435 -14.70 -48.09 -3.25
N PRO A 436 -14.76 -47.47 -4.43
CA PRO A 436 -13.53 -47.00 -5.08
C PRO A 436 -12.85 -45.89 -4.28
N GLU A 437 -11.52 -45.82 -4.44
CA GLU A 437 -10.71 -44.90 -3.65
C GLU A 437 -11.02 -43.44 -3.97
N TRP A 438 -11.29 -43.13 -5.25
CA TRP A 438 -11.59 -41.76 -5.63
C TRP A 438 -12.91 -41.29 -5.02
N TYR A 439 -13.87 -42.20 -4.83
CA TYR A 439 -15.12 -41.84 -4.18
C TYR A 439 -14.96 -41.70 -2.68
N ARG A 440 -14.06 -42.48 -2.07
CA ARG A 440 -13.86 -42.43 -0.62
C ARG A 440 -13.24 -41.11 -0.20
N GLN A 441 -12.30 -40.59 -0.99
CA GLN A 441 -11.55 -39.40 -0.62
C GLN A 441 -12.45 -38.16 -0.54
N LEU A 442 -13.61 -38.16 -1.20
CA LEU A 442 -14.52 -37.02 -1.13
C LEU A 442 -15.05 -36.82 0.27
N PHE A 443 -15.40 -37.90 0.97
CA PHE A 443 -15.92 -37.79 2.32
C PHE A 443 -14.77 -37.63 3.31
N PRO A 444 -14.75 -36.57 4.12
CA PRO A 444 -13.65 -36.42 5.08
C PRO A 444 -13.68 -37.44 6.20
N SER A 445 -14.85 -37.74 6.76
CA SER A 445 -14.95 -38.66 7.88
C SER A 445 -16.30 -39.38 7.80
N LYS A 446 -16.58 -40.19 8.82
CA LYS A 446 -17.77 -41.03 8.80
C LYS A 446 -19.06 -40.23 8.98
N ASP A 447 -19.01 -39.11 9.70
CA ASP A 447 -20.22 -38.34 9.97
C ASP A 447 -20.73 -37.63 8.71
N THR A 448 -19.84 -37.37 7.76
CA THR A 448 -20.25 -36.70 6.52
C THR A 448 -21.15 -37.60 5.69
N VAL A 449 -22.30 -37.06 5.28
CA VAL A 449 -23.27 -37.81 4.52
C VAL A 449 -23.29 -37.42 3.04
N GLU A 450 -22.96 -36.18 2.70
CA GLU A 450 -22.95 -35.72 1.32
C GLU A 450 -21.54 -35.38 0.90
N PRO A 451 -21.09 -35.83 -0.28
CA PRO A 451 -19.73 -35.51 -0.73
C PRO A 451 -19.55 -34.01 -0.94
N LYS A 452 -18.35 -33.53 -0.63
CA LYS A 452 -18.01 -32.12 -0.79
C LYS A 452 -17.19 -31.93 -2.06
N ILE A 453 -17.48 -30.86 -2.79
CA ILE A 453 -16.80 -30.57 -4.05
C ILE A 453 -16.84 -29.06 -4.28
N THR A 454 -15.79 -28.55 -4.92
CA THR A 454 -15.65 -27.14 -5.21
C THR A 454 -15.04 -27.01 -6.61
N ILE A 455 -15.34 -25.90 -7.29
CA ILE A 455 -14.80 -25.68 -8.63
C ILE A 455 -13.30 -25.48 -8.65
N LYS A 456 -12.65 -25.36 -7.49
CA LYS A 456 -11.20 -25.27 -7.39
C LYS A 456 -10.55 -26.62 -7.15
N SER A 457 -11.32 -27.71 -7.19
CA SER A 457 -10.75 -29.04 -6.99
C SER A 457 -9.95 -29.47 -8.22
N ARG A 458 -9.20 -30.56 -8.07
CA ARG A 458 -8.28 -31.02 -9.09
C ARG A 458 -8.96 -31.93 -10.13
N ILE A 459 -9.96 -32.69 -9.73
CA ILE A 459 -10.57 -33.69 -10.61
C ILE A 459 -11.65 -33.05 -11.49
N ILE A 460 -11.81 -31.74 -11.38
CA ILE A 460 -12.85 -31.05 -12.17
C ILE A 460 -12.64 -31.21 -13.68
N PRO A 461 -11.44 -31.01 -14.24
CA PRO A 461 -11.28 -31.29 -15.69
C PRO A 461 -11.47 -32.74 -16.07
N ILE A 462 -11.60 -33.65 -15.11
CA ILE A 462 -12.04 -35.01 -15.43
C ILE A 462 -13.55 -35.11 -15.42
N LEU A 463 -14.21 -34.47 -14.44
CA LEU A 463 -15.67 -34.49 -14.39
C LEU A 463 -16.26 -33.70 -15.55
N PHE A 464 -15.70 -32.53 -15.84
CA PHE A 464 -16.04 -31.76 -17.03
C PHE A 464 -15.06 -32.16 -18.12
N LYS A 465 -15.53 -32.92 -19.11
CA LYS A 465 -14.65 -33.48 -20.13
C LYS A 465 -14.08 -32.35 -20.98
N LEU A 466 -12.80 -32.04 -20.78
CA LEU A 466 -12.14 -30.92 -21.42
C LEU A 466 -11.17 -31.43 -22.49
N SER A 467 -11.03 -30.65 -23.56
CA SER A 467 -10.16 -31.03 -24.66
C SER A 467 -9.37 -29.82 -25.14
N TRP A 468 -8.08 -30.04 -25.39
CA TRP A 468 -7.18 -29.05 -25.96
C TRP A 468 -6.77 -29.51 -27.35
N GLU A 469 -7.06 -28.69 -28.36
CA GLU A 469 -6.78 -29.00 -29.76
C GLU A 469 -7.39 -30.34 -30.17
N ASN A 470 -8.64 -30.55 -29.76
CA ASN A 470 -9.42 -31.77 -30.04
C ASN A 470 -8.73 -33.03 -29.50
N SER A 471 -8.01 -32.89 -28.39
CA SER A 471 -7.36 -34.02 -27.74
C SER A 471 -7.65 -33.99 -26.24
N PRO A 472 -7.92 -35.15 -25.63
CA PRO A 472 -8.16 -35.18 -24.19
C PRO A 472 -6.93 -34.81 -23.39
N VAL A 473 -7.16 -34.27 -22.20
CA VAL A 473 -6.08 -33.86 -21.31
C VAL A 473 -5.68 -35.04 -20.42
N ILE A 474 -4.39 -35.09 -20.09
CA ILE A 474 -3.82 -36.16 -19.27
C ILE A 474 -3.06 -35.51 -18.12
N TRP A 475 -3.29 -36.00 -16.90
CA TRP A 475 -2.53 -35.58 -15.74
C TRP A 475 -1.26 -36.41 -15.61
N SER A 476 -0.15 -35.73 -15.32
CA SER A 476 1.13 -36.38 -15.13
C SER A 476 1.70 -36.02 -13.77
N LYS A 477 2.68 -36.80 -13.32
CA LYS A 477 3.26 -36.59 -11.99
C LYS A 477 4.28 -35.46 -11.99
N GLU A 478 5.26 -35.52 -12.89
CA GLU A 478 6.31 -34.51 -12.90
C GLU A 478 5.81 -33.18 -13.44
N SER A 479 5.02 -33.21 -14.52
CA SER A 479 4.47 -32.01 -15.13
C SER A 479 3.01 -31.86 -14.71
N GLY A 480 2.31 -30.91 -15.32
CA GLY A 480 0.91 -30.70 -15.02
C GLY A 480 -0.01 -31.37 -16.02
N TRP A 481 -0.80 -30.58 -16.73
CA TRP A 481 -1.73 -31.09 -17.73
C TRP A 481 -1.04 -31.17 -19.09
N CYS A 482 -1.23 -32.28 -19.79
CA CYS A 482 -0.58 -32.50 -21.08
C CYS A 482 -1.61 -33.03 -22.07
N PHE A 483 -1.21 -33.09 -23.34
CA PHE A 483 -2.05 -33.66 -24.38
C PHE A 483 -1.20 -34.43 -25.38
N ASN A 484 -1.83 -35.40 -26.04
CA ASN A 484 -1.13 -36.36 -26.88
C ASN A 484 -1.15 -35.92 -28.33
N VAL A 485 0.01 -35.98 -28.98
CA VAL A 485 0.17 -35.63 -30.40
C VAL A 485 0.82 -36.81 -31.11
N PRO A 486 0.29 -37.28 -32.23
CA PRO A 486 0.88 -38.44 -32.91
C PRO A 486 2.24 -38.12 -33.53
N HIS A 487 2.95 -39.18 -33.91
CA HIS A 487 4.33 -39.06 -34.36
C HIS A 487 4.46 -38.29 -35.65
N GLU A 488 3.42 -38.26 -36.48
CA GLU A 488 3.52 -37.64 -37.80
C GLU A 488 3.66 -36.12 -37.70
N GLN A 489 2.96 -35.50 -36.75
CA GLN A 489 2.88 -34.05 -36.67
C GLN A 489 3.77 -33.46 -35.58
N VAL A 490 4.69 -34.25 -35.02
CA VAL A 490 5.53 -33.79 -33.90
C VAL A 490 6.33 -32.56 -34.30
N GLU A 491 6.91 -32.57 -35.49
CA GLU A 491 7.61 -31.38 -35.99
C GLU A 491 6.66 -30.20 -36.17
N THR A 492 5.45 -30.47 -36.69
CA THR A 492 4.52 -29.39 -37.03
C THR A 492 4.10 -28.61 -35.79
N TYR A 493 3.77 -29.32 -34.71
CA TYR A 493 3.42 -28.65 -33.47
C TYR A 493 4.63 -27.95 -32.83
N LYS A 494 5.85 -28.33 -33.23
CA LYS A 494 7.02 -27.56 -32.79
C LYS A 494 7.08 -26.20 -33.47
N ALA A 495 6.44 -26.07 -34.65
CA ALA A 495 6.32 -24.76 -35.27
C ALA A 495 5.40 -23.85 -34.49
N LYS A 496 4.43 -24.43 -33.76
CA LYS A 496 3.51 -23.67 -32.93
C LYS A 496 4.07 -23.34 -31.55
N ASN A 497 5.38 -23.54 -31.35
CA ASN A 497 6.11 -23.18 -30.14
C ASN A 497 5.66 -23.95 -28.90
N TYR A 498 5.08 -25.13 -29.07
CA TYR A 498 4.79 -25.98 -27.93
C TYR A 498 6.05 -26.70 -27.48
N VAL A 499 6.04 -27.19 -26.24
CA VAL A 499 7.22 -27.74 -25.58
C VAL A 499 6.94 -29.17 -25.18
N LEU A 500 7.86 -30.08 -25.50
CA LEU A 500 7.76 -31.47 -25.07
C LEU A 500 7.95 -31.60 -23.56
N ALA A 501 7.35 -32.64 -23.00
CA ALA A 501 7.53 -32.95 -21.59
C ALA A 501 8.84 -33.70 -21.37
N ASP A 502 9.21 -33.85 -20.09
CA ASP A 502 10.45 -34.53 -19.75
C ASP A 502 10.32 -36.04 -19.96
N SER A 503 11.47 -36.72 -19.89
CA SER A 503 11.51 -38.16 -20.18
C SER A 503 10.85 -38.99 -19.08
N VAL A 504 10.88 -38.50 -17.83
CA VAL A 504 10.30 -39.26 -16.73
C VAL A 504 8.80 -39.41 -16.93
N SER A 505 8.12 -38.32 -17.30
CA SER A 505 6.69 -38.40 -17.58
C SER A 505 6.39 -39.31 -18.76
N GLN A 506 7.30 -39.33 -19.75
CA GLN A 506 7.16 -40.26 -20.86
C GLN A 506 7.20 -41.70 -20.38
N GLU A 507 8.14 -42.02 -19.48
CA GLU A 507 8.23 -43.38 -18.96
C GLU A 507 7.00 -43.75 -18.12
N GLU A 508 6.50 -42.82 -17.31
CA GLU A 508 5.28 -43.11 -16.55
C GLU A 508 4.08 -43.30 -17.46
N GLU A 509 3.99 -42.53 -18.55
CA GLU A 509 2.91 -42.73 -19.52
C GLU A 509 3.03 -44.08 -20.19
N GLU A 510 4.25 -44.49 -20.55
CA GLU A 510 4.46 -45.81 -21.13
C GLU A 510 4.01 -46.91 -20.18
N ILE A 511 4.43 -46.84 -18.91
CA ILE A 511 4.11 -47.93 -18.00
C ILE A 511 2.62 -47.95 -17.65
N ARG A 512 1.95 -46.79 -17.58
CA ARG A 512 0.52 -46.82 -17.34
C ARG A 512 -0.25 -47.38 -18.54
N MET A 513 0.21 -47.08 -19.76
CA MET A 513 -0.46 -47.68 -20.93
C MET A 513 -0.17 -49.17 -21.05
N ASN A 514 1.01 -49.64 -20.62
CA ASN A 514 1.23 -51.09 -20.59
C ASN A 514 0.37 -51.75 -19.50
N ASN A 515 0.21 -51.09 -18.35
CA ASN A 515 -0.63 -51.65 -17.30
C ASN A 515 -2.10 -51.71 -17.74
N LEU A 516 -2.58 -50.68 -18.43
CA LEU A 516 -3.94 -50.70 -18.92
C LEU A 516 -4.09 -51.50 -20.21
N GLY A 517 -2.99 -51.77 -20.91
CA GLY A 517 -2.98 -52.69 -22.03
C GLY A 517 -3.26 -52.11 -23.41
N LEU A 518 -2.61 -51.00 -23.74
CA LEU A 518 -2.65 -50.46 -25.11
C LEU A 518 -1.25 -50.20 -25.62
N GLN A 519 -1.15 -49.60 -26.81
CA GLN A 519 0.13 -49.31 -27.44
C GLN A 519 0.28 -47.80 -27.60
N CYS A 520 1.53 -47.34 -27.52
CA CYS A 520 1.82 -45.91 -27.66
C CYS A 520 1.65 -45.46 -29.10
N THR A 521 1.02 -44.29 -29.27
CA THR A 521 0.76 -43.74 -30.60
C THR A 521 1.27 -42.32 -30.77
N GLY A 522 1.98 -41.78 -29.80
CA GLY A 522 2.45 -40.40 -29.92
C GLY A 522 3.27 -39.97 -28.73
N VAL A 523 3.41 -38.66 -28.58
CA VAL A 523 4.18 -38.05 -27.51
C VAL A 523 3.30 -37.04 -26.77
N LEU A 524 3.80 -36.58 -25.63
CA LEU A 524 3.06 -35.68 -24.76
C LEU A 524 3.60 -34.25 -24.89
N PHE A 525 2.70 -33.31 -25.16
CA PHE A 525 3.03 -31.89 -25.20
C PHE A 525 2.37 -31.20 -24.00
N LYS A 526 3.03 -30.16 -23.50
CA LYS A 526 2.59 -29.47 -22.30
C LYS A 526 1.64 -28.33 -22.65
N VAL A 527 0.60 -28.18 -21.85
CA VAL A 527 -0.29 -27.02 -21.96
C VAL A 527 0.46 -25.77 -21.54
N PRO A 528 0.48 -24.71 -22.34
CA PRO A 528 1.30 -23.54 -22.01
C PRO A 528 0.79 -22.79 -20.78
N HIS A 529 1.73 -22.16 -20.08
CA HIS A 529 1.47 -21.37 -18.89
C HIS A 529 1.80 -19.92 -19.15
N PRO A 530 1.03 -18.98 -18.60
CA PRO A 530 1.28 -17.55 -18.87
C PRO A 530 2.66 -17.06 -18.44
N ASN A 531 3.23 -17.61 -17.36
CA ASN A 531 4.49 -17.09 -16.86
C ASN A 531 5.66 -17.49 -17.75
N GLY A 532 5.68 -18.73 -18.23
CA GLY A 532 6.75 -19.19 -19.09
C GLY A 532 6.76 -20.69 -19.29
N PRO A 533 7.66 -21.18 -20.14
CA PRO A 533 7.74 -22.62 -20.41
C PRO A 533 8.17 -23.45 -19.21
N THR A 534 8.86 -22.85 -18.24
CA THR A 534 9.35 -23.62 -17.09
C THR A 534 8.23 -23.96 -16.12
N PHE A 535 7.27 -23.05 -15.93
CA PHE A 535 6.21 -23.27 -14.98
C PHE A 535 5.20 -24.28 -15.50
N ASN A 536 4.52 -24.95 -14.58
CA ASN A 536 3.54 -25.98 -14.90
C ASN A 536 2.13 -25.45 -14.74
N CYS A 537 1.19 -26.09 -15.43
CA CYS A 537 -0.23 -25.75 -15.37
C CYS A 537 -0.94 -26.69 -14.40
N THR A 538 -1.66 -26.11 -13.44
CA THR A 538 -2.39 -26.89 -12.46
C THR A 538 -3.88 -26.62 -12.42
N ASN A 539 -4.33 -25.45 -12.88
CA ASN A 539 -5.75 -25.10 -12.91
C ASN A 539 -6.12 -24.62 -14.30
N LEU A 540 -7.29 -25.07 -14.78
CA LEU A 540 -7.73 -24.76 -16.14
C LEU A 540 -9.04 -23.97 -16.15
N LEU A 541 -9.45 -23.41 -15.01
CA LEU A 541 -10.71 -22.67 -14.92
C LEU A 541 -10.52 -21.33 -14.24
N THR A 542 -9.35 -20.72 -14.43
CA THR A 542 -9.02 -19.45 -13.81
C THR A 542 -8.98 -18.35 -14.87
N LYS A 543 -8.60 -17.14 -14.44
CA LYS A 543 -8.41 -16.03 -15.34
C LYS A 543 -7.24 -16.30 -16.27
N SER A 544 -7.31 -15.74 -17.49
CA SER A 544 -6.38 -15.86 -18.62
C SER A 544 -6.56 -17.18 -19.36
N TYR A 545 -7.59 -17.96 -19.02
CA TYR A 545 -8.03 -19.09 -19.84
C TYR A 545 -9.37 -18.84 -20.49
N ASN A 546 -9.99 -17.67 -20.24
CA ASN A 546 -11.25 -17.34 -20.87
C ASN A 546 -11.09 -17.07 -22.36
N HIS A 547 -9.97 -16.45 -22.74
CA HIS A 547 -9.73 -16.13 -24.14
C HIS A 547 -9.59 -17.39 -25.00
N PHE A 548 -8.91 -18.41 -24.48
CA PHE A 548 -8.81 -19.67 -25.20
C PHE A 548 -10.16 -20.36 -25.32
N PHE A 549 -11.01 -20.22 -24.31
CA PHE A 549 -12.37 -20.77 -24.40
C PHE A 549 -13.19 -20.03 -25.44
N GLU A 550 -12.99 -18.70 -25.55
CA GLU A 550 -13.72 -17.93 -26.55
C GLU A 550 -13.26 -18.25 -27.97
N LYS A 551 -11.95 -18.47 -28.16
CA LYS A 551 -11.46 -18.82 -29.49
C LYS A 551 -11.95 -20.19 -29.92
N GLY A 552 -11.82 -21.19 -29.05
CA GLY A 552 -12.24 -22.53 -29.38
C GLY A 552 -11.14 -23.56 -29.20
N VAL A 553 -9.97 -23.11 -28.75
CA VAL A 553 -8.87 -24.03 -28.48
C VAL A 553 -9.23 -24.96 -27.33
N LEU A 554 -9.82 -24.43 -26.27
CA LEU A 554 -10.30 -25.24 -25.16
C LEU A 554 -11.79 -25.52 -25.36
N LYS A 555 -12.14 -26.81 -25.35
CA LYS A 555 -13.52 -27.22 -25.60
C LYS A 555 -14.01 -28.08 -24.44
N SER A 556 -15.32 -28.03 -24.20
CA SER A 556 -15.96 -28.82 -23.16
C SER A 556 -17.20 -29.49 -23.72
N GLU A 557 -17.54 -30.65 -23.15
CA GLU A 557 -18.76 -31.37 -23.50
C GLU A 557 -19.89 -31.12 -22.51
N SER A 558 -19.69 -30.18 -21.57
CA SER A 558 -20.71 -29.82 -20.59
C SER A 558 -20.90 -28.31 -20.61
N GLU A 559 -22.14 -27.88 -20.36
CA GLU A 559 -22.47 -26.47 -20.41
C GLU A 559 -22.08 -25.70 -19.16
N LEU A 560 -21.70 -26.39 -18.09
CA LEU A 560 -21.43 -25.72 -16.81
C LEU A 560 -20.03 -25.13 -16.72
N ALA A 561 -19.15 -25.40 -17.69
CA ALA A 561 -17.80 -24.82 -17.66
C ALA A 561 -17.84 -23.31 -17.82
N HIS A 562 -18.64 -22.82 -18.76
CA HIS A 562 -18.74 -21.38 -18.98
C HIS A 562 -19.39 -20.67 -17.79
N GLN A 563 -20.41 -21.30 -17.20
CA GLN A 563 -21.03 -20.73 -16.01
C GLN A 563 -20.07 -20.75 -14.82
N ALA A 564 -19.23 -21.78 -14.73
CA ALA A 564 -18.22 -21.82 -13.68
C ALA A 564 -17.20 -20.70 -13.87
N LEU A 565 -16.81 -20.43 -15.11
CA LEU A 565 -15.91 -19.31 -15.38
C LEU A 565 -16.56 -17.98 -15.00
N GLN A 566 -17.85 -17.81 -15.33
CA GLN A 566 -18.56 -16.59 -14.96
C GLN A 566 -18.63 -16.41 -13.45
N ILE A 567 -18.92 -17.49 -12.72
CA ILE A 567 -19.02 -17.42 -11.27
C ILE A 567 -17.66 -17.13 -10.65
N ASN A 568 -16.59 -17.71 -11.20
CA ASN A 568 -15.25 -17.41 -10.74
C ASN A 568 -14.89 -15.95 -10.97
N SER A 569 -15.27 -15.40 -12.12
CA SER A 569 -14.97 -14.00 -12.41
C SER A 569 -15.81 -13.05 -11.57
N SER A 570 -17.02 -13.47 -11.17
CA SER A 570 -17.94 -12.55 -10.52
C SER A 570 -17.71 -12.42 -9.02
N GLY A 571 -17.43 -13.53 -8.34
CA GLY A 571 -17.45 -13.51 -6.88
C GLY A 571 -16.19 -13.85 -6.15
N SER A 572 -15.04 -13.32 -6.59
CA SER A 572 -13.78 -13.62 -5.91
C SER A 572 -13.43 -12.62 -4.83
N TYR A 573 -13.69 -11.33 -5.06
CA TYR A 573 -13.33 -10.30 -4.09
C TYR A 573 -14.18 -10.37 -2.83
N TRP A 574 -15.47 -10.71 -2.97
CA TRP A 574 -16.29 -10.95 -1.80
C TRP A 574 -15.77 -12.15 -1.01
N MET A 575 -15.39 -13.23 -1.71
CA MET A 575 -14.81 -14.38 -1.03
C MET A 575 -13.51 -14.02 -0.32
N SER A 576 -12.80 -13.01 -0.80
CA SER A 576 -11.56 -12.58 -0.16
C SER A 576 -11.76 -11.61 0.99
N ALA A 577 -12.82 -10.80 0.99
CA ALA A 577 -12.94 -9.72 1.97
C ALA A 577 -14.24 -9.74 2.80
N ARG A 578 -15.03 -10.81 2.74
CA ARG A 578 -16.33 -10.81 3.43
C ARG A 578 -16.17 -10.72 4.95
N GLU A 579 -15.20 -11.44 5.52
CA GLU A 579 -15.06 -11.47 6.97
C GLU A 579 -14.62 -10.10 7.50
N ARG A 580 -13.75 -9.41 6.76
CA ARG A 580 -13.31 -8.08 7.18
C ARG A 580 -14.41 -7.05 6.99
N ILE A 581 -15.20 -7.17 5.92
CA ILE A 581 -16.26 -6.20 5.68
C ILE A 581 -17.37 -6.36 6.72
N GLN A 582 -17.74 -7.60 7.06
CA GLN A 582 -18.86 -7.82 7.96
C GLN A 582 -18.50 -7.64 9.44
N SER A 583 -17.22 -7.46 9.78
CA SER A 583 -16.82 -7.36 11.19
C SER A 583 -16.44 -5.94 11.58
N GLN A 584 -16.97 -4.93 10.90
CA GLN A 584 -16.67 -3.55 11.25
C GLN A 584 -17.51 -3.09 12.44
N PHE A 585 -17.00 -2.09 13.15
CA PHE A 585 -17.63 -1.55 14.35
C PHE A 585 -18.35 -0.27 13.98
N VAL A 586 -19.69 -0.30 14.05
CA VAL A 586 -20.53 0.83 13.67
C VAL A 586 -21.34 1.24 14.90
N VAL A 587 -21.29 2.53 15.24
CA VAL A 587 -21.93 3.07 16.43
C VAL A 587 -23.05 4.01 15.98
N PRO A 588 -24.29 3.79 16.39
CA PRO A 588 -25.40 4.61 15.92
C PRO A 588 -25.65 5.85 16.78
N ASN A 589 -26.49 6.73 16.26
CA ASN A 589 -26.85 7.97 16.93
C ASN A 589 -27.82 7.76 18.08
N CYS A 590 -28.71 6.77 17.98
CA CYS A 590 -29.77 6.60 18.98
C CYS A 590 -29.25 6.16 20.33
N LYS A 591 -28.05 5.57 20.40
CA LYS A 591 -27.52 5.07 21.66
C LYS A 591 -26.77 6.13 22.45
N PHE A 592 -26.21 7.13 21.79
CA PHE A 592 -25.43 8.19 22.44
C PHE A 592 -25.94 9.54 21.94
N PRO A 593 -27.05 10.03 22.50
CA PRO A 593 -27.68 11.25 21.98
C PRO A 593 -26.99 12.55 22.36
N ASN A 594 -25.92 12.52 23.15
CA ASN A 594 -25.25 13.73 23.60
C ASN A 594 -23.83 13.85 23.06
N GLU A 595 -23.53 13.19 21.95
CA GLU A 595 -22.16 13.14 21.46
C GLU A 595 -21.98 13.69 20.05
N PHE A 596 -22.88 13.36 19.12
CA PHE A 596 -22.69 13.66 17.70
C PHE A 596 -22.93 15.14 17.45
N GLN A 597 -21.91 15.94 17.75
CA GLN A 597 -21.98 17.38 17.57
C GLN A 597 -21.44 17.79 16.21
N SER A 598 -21.98 18.88 15.69
CA SER A 598 -21.65 19.34 14.34
C SER A 598 -20.29 20.02 14.30
N LEU A 599 -19.73 20.09 13.08
CA LEU A 599 -18.42 20.72 12.90
C LEU A 599 -18.46 22.22 13.14
N SER A 600 -19.53 22.88 12.69
CA SER A 600 -19.67 24.32 12.86
C SER A 600 -20.29 24.64 14.22
N ALA A 601 -19.79 25.70 14.85
CA ALA A 601 -20.30 26.10 16.16
C ALA A 601 -21.75 26.57 16.08
N LYS A 602 -22.10 27.31 15.03
CA LYS A 602 -23.47 27.77 14.83
C LYS A 602 -24.26 26.66 14.16
N SER A 603 -24.79 25.75 14.99
CA SER A 603 -25.56 24.63 14.46
C SER A 603 -26.86 25.10 13.82
N SER A 604 -27.53 26.07 14.43
CA SER A 604 -28.82 26.61 13.97
C SER A 604 -29.86 25.50 13.80
N LEU A 605 -29.89 24.58 14.78
CA LEU A 605 -30.79 23.44 14.80
C LEU A 605 -30.65 22.59 13.53
N ASN A 606 -31.71 22.58 12.71
CA ASN A 606 -31.74 21.81 11.46
C ASN A 606 -31.47 20.32 11.70
N ASN A 607 -32.09 19.78 12.75
CA ASN A 607 -31.91 18.37 13.11
C ASN A 607 -32.91 17.46 12.42
N GLU A 608 -33.77 18.00 11.55
CA GLU A 608 -34.74 17.18 10.85
C GLU A 608 -34.05 16.32 9.79
N LYS A 609 -34.62 15.12 9.59
CA LYS A 609 -34.13 14.14 8.60
C LYS A 609 -32.69 13.72 8.87
N THR A 610 -32.28 13.73 10.13
CA THR A 610 -30.94 13.31 10.57
C THR A 610 -31.05 12.30 11.69
N ASN A 611 -31.99 11.37 11.58
CA ASN A 611 -32.25 10.39 12.63
C ASN A 611 -31.46 9.10 12.46
N ASP A 612 -30.65 8.99 11.41
CA ASP A 612 -29.88 7.77 11.12
C ASP A 612 -28.46 8.18 10.73
N LEU A 613 -27.59 8.31 11.73
CA LEU A 613 -26.21 8.71 11.51
C LEU A 613 -25.28 7.75 12.26
N ALA A 614 -24.09 7.55 11.71
CA ALA A 614 -23.13 6.64 12.33
C ALA A 614 -21.71 7.08 11.99
N ILE A 615 -20.76 6.63 12.80
CA ILE A 615 -19.34 6.95 12.64
C ILE A 615 -18.52 5.67 12.79
N ILE A 616 -17.58 5.48 11.87
CA ILE A 616 -16.59 4.41 11.95
C ILE A 616 -15.21 5.05 12.10
N ILE A 617 -14.43 4.53 13.04
CA ILE A 617 -13.07 4.99 13.30
C ILE A 617 -12.10 3.94 12.73
N PRO A 618 -11.31 4.28 11.72
CA PRO A 618 -10.40 3.30 11.12
C PRO A 618 -9.23 2.95 12.03
N LYS A 619 -8.70 1.74 11.83
CA LYS A 619 -7.56 1.23 12.59
C LYS A 619 -6.30 1.36 11.74
N ILE A 620 -5.73 2.56 11.74
CA ILE A 620 -4.65 2.92 10.84
C ILE A 620 -3.31 2.86 11.59
N VAL A 621 -2.35 2.15 11.01
CA VAL A 621 -0.97 2.19 11.48
C VAL A 621 -0.22 3.22 10.64
N PRO A 622 0.22 4.34 11.22
CA PRO A 622 0.82 5.41 10.41
C PRO A 622 2.07 5.03 9.65
N MET A 623 2.91 4.15 10.19
CA MET A 623 4.17 3.75 9.55
C MET A 623 4.27 2.23 9.63
N GLY A 624 3.81 1.54 8.60
CA GLY A 624 3.81 0.09 8.60
C GLY A 624 4.71 -0.55 7.55
N THR A 625 5.46 0.25 6.81
CA THR A 625 6.35 -0.25 5.78
C THR A 625 7.76 0.28 6.02
N ILE A 626 8.72 -0.32 5.32
CA ILE A 626 10.10 0.17 5.38
C ILE A 626 10.22 1.54 4.73
N THR A 627 9.33 1.86 3.80
CA THR A 627 9.30 3.16 3.14
C THR A 627 8.44 4.18 3.88
N ARG A 628 8.03 3.86 5.10
CA ARG A 628 7.30 4.78 5.99
C ARG A 628 5.92 5.14 5.44
N ARG A 629 5.23 4.16 4.90
CA ARG A 629 3.87 4.30 4.41
C ARG A 629 2.88 3.71 5.42
N ALA A 630 1.64 4.19 5.37
CA ALA A 630 0.58 3.73 6.25
C ALA A 630 -0.08 2.46 5.73
N VAL A 631 -0.65 1.69 6.66
CA VAL A 631 -1.23 0.38 6.38
C VAL A 631 -2.66 0.33 6.90
N GLU A 632 -3.58 -0.10 6.03
CA GLU A 632 -4.96 -0.38 6.41
C GLU A 632 -5.40 -1.66 5.72
N ASN A 633 -6.04 -2.56 6.47
CA ASN A 633 -6.40 -3.86 5.93
C ASN A 633 -7.72 -3.86 5.16
N THR A 634 -8.56 -2.84 5.34
CA THR A 634 -9.88 -2.82 4.73
C THR A 634 -10.10 -1.62 3.82
N TRP A 635 -9.77 -0.42 4.26
CA TRP A 635 -10.15 0.79 3.55
C TRP A 635 -9.11 1.29 2.56
N LEU A 636 -7.85 0.85 2.67
CA LEU A 636 -6.84 1.13 1.66
C LEU A 636 -6.58 -0.09 0.78
N THR A 637 -7.44 -1.11 0.84
CA THR A 637 -7.41 -2.24 -0.07
C THR A 637 -8.78 -2.47 -0.71
N ALA A 638 -9.62 -1.43 -0.76
CA ALA A 638 -10.99 -1.55 -1.24
C ALA A 638 -11.04 -1.47 -2.76
N SER A 639 -11.87 -2.31 -3.36
CA SER A 639 -12.03 -2.34 -4.80
C SER A 639 -12.85 -1.16 -5.29
N ASN A 640 -12.74 -0.88 -6.58
CA ASN A 640 -13.54 0.14 -7.24
C ASN A 640 -14.80 -0.48 -7.84
N ALA A 641 -15.77 0.37 -8.14
CA ALA A 641 -17.04 -0.10 -8.67
C ALA A 641 -16.88 -0.69 -10.06
N LYS A 642 -17.52 -1.84 -10.28
CA LYS A 642 -17.47 -2.52 -11.58
C LYS A 642 -18.84 -3.10 -11.88
N ALA A 643 -19.09 -3.33 -13.17
CA ALA A 643 -20.43 -3.71 -13.61
C ALA A 643 -20.79 -5.13 -13.22
N ASN A 644 -19.80 -6.02 -13.08
CA ASN A 644 -20.06 -7.44 -12.82
C ASN A 644 -19.54 -7.94 -11.48
N ARG A 645 -18.92 -7.09 -10.67
CA ARG A 645 -18.32 -7.51 -9.42
C ARG A 645 -19.27 -7.26 -8.25
N ILE A 646 -19.49 -8.29 -7.44
CA ILE A 646 -20.43 -8.23 -6.32
C ILE A 646 -19.76 -7.51 -5.15
N GLY A 647 -20.47 -6.55 -4.58
CA GLY A 647 -19.99 -5.86 -3.40
C GLY A 647 -18.87 -4.87 -3.62
N SER A 648 -18.74 -4.35 -4.84
CA SER A 648 -17.67 -3.42 -5.17
C SER A 648 -18.07 -1.96 -4.95
N GLU A 649 -19.24 -1.71 -4.38
CA GLU A 649 -19.74 -0.37 -4.11
C GLU A 649 -19.46 0.08 -2.67
N LEU A 650 -18.39 -0.44 -2.07
CA LEU A 650 -18.13 -0.22 -0.64
C LEU A 650 -17.88 1.25 -0.33
N LYS A 651 -16.99 1.89 -1.09
CA LYS A 651 -16.59 3.26 -0.78
C LYS A 651 -17.71 4.27 -1.02
N THR A 652 -18.80 3.88 -1.69
CA THR A 652 -19.95 4.76 -1.82
C THR A 652 -20.83 4.76 -0.57
N GLN A 653 -20.51 3.93 0.43
CA GLN A 653 -21.28 3.92 1.67
C GLN A 653 -20.89 5.03 2.63
N VAL A 654 -19.84 5.77 2.33
CA VAL A 654 -19.43 6.92 3.13
C VAL A 654 -20.18 8.14 2.61
N LYS A 655 -21.08 8.68 3.43
CA LYS A 655 -21.93 9.79 3.03
C LYS A 655 -21.77 10.95 4.00
N ALA A 656 -21.93 12.16 3.46
CA ALA A 656 -21.81 13.38 4.25
C ALA A 656 -23.15 13.74 4.89
N PRO A 657 -23.14 14.28 6.10
CA PRO A 657 -24.38 14.72 6.74
C PRO A 657 -24.96 15.95 6.05
N PRO A 658 -26.24 16.23 6.24
CA PRO A 658 -26.86 17.38 5.57
C PRO A 658 -26.16 18.70 5.90
N GLY A 659 -25.89 19.48 4.84
CA GLY A 659 -25.19 20.73 4.99
C GLY A 659 -23.69 20.66 4.78
N TYR A 660 -23.16 19.51 4.37
CA TYR A 660 -21.73 19.31 4.22
C TYR A 660 -21.45 18.55 2.93
N CYS A 661 -20.18 18.52 2.53
CA CYS A 661 -19.77 17.85 1.31
C CYS A 661 -18.30 17.47 1.42
N PHE A 662 -17.80 16.79 0.40
CA PHE A 662 -16.41 16.35 0.34
C PHE A 662 -15.68 17.09 -0.77
N VAL A 663 -14.50 17.60 -0.45
CA VAL A 663 -13.61 18.24 -1.42
C VAL A 663 -12.30 17.46 -1.47
N GLY A 664 -11.89 17.04 -2.66
CA GLY A 664 -10.79 16.11 -2.76
C GLY A 664 -9.90 16.35 -3.96
N ALA A 665 -8.70 15.77 -3.89
CA ALA A 665 -7.71 15.92 -4.94
C ALA A 665 -6.78 14.70 -4.95
N ASP A 666 -6.07 14.54 -6.08
CA ASP A 666 -5.06 13.47 -6.25
C ASP A 666 -3.92 13.98 -7.14
N VAL A 667 -2.68 13.57 -6.85
CA VAL A 667 -1.48 14.17 -7.49
C VAL A 667 -1.25 13.53 -8.86
N ASP A 668 -0.82 14.32 -9.84
CA ASP A 668 -0.74 13.87 -11.26
C ASP A 668 0.68 13.34 -11.55
N SER A 669 0.81 12.05 -11.87
CA SER A 669 2.04 11.48 -12.46
C SER A 669 3.22 11.69 -11.51
N GLU A 670 3.12 11.19 -10.28
CA GLU A 670 3.85 11.77 -9.12
C GLU A 670 5.33 11.40 -9.20
N GLU A 671 5.62 10.10 -9.28
CA GLU A 671 7.00 9.59 -9.00
C GLU A 671 7.85 9.70 -10.27
N LEU A 672 7.21 9.64 -11.44
CA LEU A 672 7.88 9.96 -12.70
C LEU A 672 8.42 11.39 -12.68
N TRP A 673 7.65 12.34 -12.14
CA TRP A 673 8.11 13.71 -12.03
C TRP A 673 9.29 13.83 -11.07
N ILE A 674 9.25 13.09 -9.95
CA ILE A 674 10.37 13.11 -9.02
C ILE A 674 11.63 12.55 -9.67
N ALA A 675 11.50 11.43 -10.40
CA ALA A 675 12.65 10.85 -11.07
C ALA A 675 13.21 11.78 -12.14
N SER A 676 12.34 12.46 -12.88
CA SER A 676 12.80 13.42 -13.89
C SER A 676 13.51 14.60 -13.23
N LEU A 677 13.02 15.04 -12.07
CA LEU A 677 13.71 16.12 -11.35
C LEU A 677 15.09 15.68 -10.85
N VAL A 678 15.20 14.44 -10.37
CA VAL A 678 16.50 13.91 -9.96
C VAL A 678 17.45 13.84 -11.16
N GLY A 679 16.95 13.39 -12.31
CA GLY A 679 17.79 13.32 -13.49
C GLY A 679 18.22 14.67 -14.00
N ASP A 680 17.33 15.67 -13.92
CA ASP A 680 17.61 17.01 -14.43
C ASP A 680 18.43 17.86 -13.47
N SER A 681 18.64 17.41 -12.24
CA SER A 681 19.39 18.20 -11.26
C SER A 681 20.86 18.33 -11.66
N ILE A 682 21.39 17.38 -12.43
CA ILE A 682 22.79 17.45 -12.85
C ILE A 682 22.99 18.61 -13.83
N PHE A 683 22.06 18.79 -14.77
CA PHE A 683 22.20 19.83 -15.79
C PHE A 683 21.70 21.19 -15.32
N ASN A 684 21.00 21.26 -14.18
CA ASN A 684 20.61 22.48 -13.48
C ASN A 684 19.48 23.20 -14.22
N VAL A 685 19.13 22.72 -15.41
CA VAL A 685 18.09 23.33 -16.25
C VAL A 685 16.99 22.29 -16.48
N HIS A 686 15.74 22.71 -16.31
CA HIS A 686 14.60 21.84 -16.64
C HIS A 686 14.63 21.47 -18.11
N GLY A 687 14.42 20.19 -18.41
CA GLY A 687 14.47 19.71 -19.77
C GLY A 687 15.85 19.42 -20.30
N GLY A 688 16.84 19.30 -19.42
CA GLY A 688 18.20 19.02 -19.86
C GLY A 688 18.40 17.61 -20.38
N THR A 689 17.54 16.67 -19.98
CA THR A 689 17.59 15.31 -20.46
C THR A 689 16.41 15.04 -21.38
N ALA A 690 16.52 13.97 -22.17
CA ALA A 690 15.48 13.63 -23.14
C ALA A 690 14.18 13.22 -22.44
N ILE A 691 14.28 12.41 -21.39
CA ILE A 691 13.08 11.98 -20.68
C ILE A 691 12.41 13.15 -19.95
N GLY A 692 13.21 14.09 -19.43
CA GLY A 692 12.63 15.26 -18.79
C GLY A 692 11.90 16.15 -19.78
N TRP A 693 12.45 16.30 -20.99
CA TRP A 693 11.76 17.05 -22.03
C TRP A 693 10.50 16.35 -22.50
N MET A 694 10.55 15.01 -22.61
CA MET A 694 9.36 14.26 -23.01
C MET A 694 8.27 14.34 -21.96
N CYS A 695 8.63 14.44 -20.68
CA CYS A 695 7.65 14.46 -19.62
C CYS A 695 6.93 15.81 -19.53
N LEU A 696 7.61 16.90 -19.91
CA LEU A 696 7.10 18.25 -19.67
C LEU A 696 6.50 18.91 -20.91
N GLU A 697 6.32 18.17 -22.00
CA GLU A 697 5.85 18.83 -23.23
C GLU A 697 4.35 19.11 -23.22
N GLY A 698 3.54 18.27 -22.56
CA GLY A 698 2.10 18.40 -22.60
C GLY A 698 1.48 18.28 -21.22
N THR A 699 0.14 18.35 -21.21
CA THR A 699 -0.64 18.26 -20.00
C THR A 699 -1.73 17.21 -20.15
N LYS A 700 -2.32 16.81 -19.02
CA LYS A 700 -3.35 15.75 -19.00
C LYS A 700 -4.62 16.27 -19.68
N ASN A 701 -4.98 17.52 -19.44
CA ASN A 701 -6.24 18.06 -19.95
C ASN A 701 -6.27 18.13 -21.48
N GLU A 702 -5.11 18.19 -22.13
CA GLU A 702 -5.05 18.16 -23.58
C GLU A 702 -4.81 16.75 -24.13
N GLY A 703 -4.68 15.76 -23.27
CA GLY A 703 -4.42 14.40 -23.70
C GLY A 703 -3.06 14.20 -24.33
N THR A 704 -2.04 14.88 -23.82
CA THR A 704 -0.69 14.81 -24.37
C THR A 704 0.33 14.51 -23.28
N ASP A 705 -0.03 13.64 -22.34
CA ASP A 705 0.91 13.20 -21.31
C ASP A 705 1.64 11.94 -21.77
N LEU A 706 2.68 11.58 -21.02
CA LEU A 706 3.57 10.50 -21.45
C LEU A 706 2.88 9.14 -21.38
N HIS A 707 2.02 8.96 -20.36
CA HIS A 707 1.28 7.69 -20.18
C HIS A 707 0.31 7.49 -21.35
N THR A 708 -0.36 8.56 -21.77
CA THR A 708 -1.30 8.49 -22.89
C THR A 708 -0.59 8.20 -24.20
N LYS A 709 0.57 8.84 -24.43
CA LYS A 709 1.34 8.56 -25.63
C LYS A 709 1.84 7.12 -25.66
N THR A 710 2.30 6.60 -24.52
CA THR A 710 2.72 5.21 -24.45
C THR A 710 1.57 4.26 -24.74
N ALA A 711 0.38 4.57 -24.21
CA ALA A 711 -0.79 3.75 -24.48
C ALA A 711 -1.18 3.78 -25.96
N GLN A 712 -1.06 4.94 -26.59
CA GLN A 712 -1.40 5.04 -28.01
C GLN A 712 -0.39 4.32 -28.88
N ILE A 713 0.90 4.36 -28.51
CA ILE A 713 1.91 3.64 -29.29
C ILE A 713 1.74 2.13 -29.11
N LEU A 714 1.55 1.68 -27.88
CA LEU A 714 1.43 0.24 -27.62
C LEU A 714 0.04 -0.31 -27.92
N GLY A 715 -0.95 0.56 -28.15
CA GLY A 715 -2.31 0.11 -28.41
C GLY A 715 -2.98 -0.56 -27.23
N CYS A 716 -2.84 0.01 -26.03
CA CYS A 716 -3.44 -0.55 -24.83
C CYS A 716 -4.08 0.57 -24.03
N SER A 717 -4.59 0.23 -22.85
CA SER A 717 -5.20 1.22 -21.97
C SER A 717 -4.12 2.00 -21.21
N ARG A 718 -4.57 3.03 -20.50
CA ARG A 718 -3.64 3.99 -19.82
C ARG A 718 -3.10 3.36 -18.53
N ASN A 719 -3.91 2.52 -17.85
CA ASN A 719 -3.44 1.84 -16.65
C ASN A 719 -2.39 0.79 -16.99
N GLU A 720 -2.59 0.06 -18.09
CA GLU A 720 -1.59 -0.90 -18.54
C GLU A 720 -0.30 -0.21 -18.96
N ALA A 721 -0.41 0.98 -19.56
CA ALA A 721 0.77 1.77 -19.87
C ALA A 721 1.49 2.21 -18.61
N LYS A 722 0.72 2.54 -17.57
CA LYS A 722 1.32 2.93 -16.26
C LYS A 722 2.11 1.74 -15.70
N ILE A 723 1.52 0.54 -15.70
CA ILE A 723 2.22 -0.69 -15.25
C ILE A 723 3.50 -0.86 -16.07
N PHE A 724 3.39 -0.82 -17.40
CA PHE A 724 4.56 -1.06 -18.25
C PHE A 724 5.68 -0.05 -17.96
N ASN A 725 5.32 1.22 -17.79
CA ASN A 725 6.32 2.26 -17.55
C ASN A 725 6.96 2.12 -16.18
N TYR A 726 6.16 1.75 -15.18
CA TYR A 726 6.69 1.57 -13.80
C TYR A 726 7.40 0.22 -13.69
N GLY A 727 7.21 -0.67 -14.66
CA GLY A 727 7.94 -1.93 -14.69
C GLY A 727 9.29 -1.80 -15.36
N ARG A 728 9.38 -1.03 -16.44
CA ARG A 728 10.66 -0.82 -17.11
C ARG A 728 11.66 -0.16 -16.17
N ILE A 729 11.26 0.94 -15.53
CA ILE A 729 12.00 1.45 -14.39
C ILE A 729 11.86 0.46 -13.25
N TYR A 730 12.88 0.39 -12.39
CA TYR A 730 13.04 -0.49 -11.21
C TYR A 730 13.51 -1.89 -11.61
N GLY A 731 13.94 -2.09 -12.86
CA GLY A 731 14.69 -3.27 -13.22
C GLY A 731 13.93 -4.52 -13.64
N ALA A 732 13.13 -4.43 -14.69
CA ALA A 732 12.53 -5.61 -15.31
C ALA A 732 13.23 -5.92 -16.62
N GLY A 733 13.25 -7.22 -16.95
CA GLY A 733 13.92 -7.66 -18.16
C GLY A 733 13.06 -7.54 -19.41
N ALA A 734 13.69 -7.79 -20.56
CA ALA A 734 12.97 -7.73 -21.83
C ALA A 734 12.02 -8.90 -22.01
N LYS A 735 12.36 -10.07 -21.46
CA LYS A 735 11.46 -11.22 -21.55
C LYS A 735 10.15 -10.96 -20.79
N PHE A 736 10.26 -10.35 -19.60
CA PHE A 736 9.05 -10.03 -18.84
C PHE A 736 8.24 -8.95 -19.54
N ALA A 737 8.90 -8.00 -20.21
CA ALA A 737 8.17 -7.00 -20.98
C ALA A 737 7.44 -7.63 -22.16
N SER A 738 8.07 -8.61 -22.82
CA SER A 738 7.39 -9.32 -23.90
C SER A 738 6.21 -10.12 -23.37
N GLN A 739 6.34 -10.72 -22.20
CA GLN A 739 5.22 -11.42 -21.58
C GLN A 739 4.08 -10.46 -21.24
N LEU A 740 4.42 -9.27 -20.74
CA LEU A 740 3.41 -8.26 -20.46
C LEU A 740 2.69 -7.82 -21.73
N LEU A 741 3.43 -7.62 -22.82
CA LEU A 741 2.81 -7.27 -24.09
C LEU A 741 1.91 -8.39 -24.61
N LYS A 742 2.33 -9.64 -24.40
CA LYS A 742 1.47 -10.77 -24.75
C LYS A 742 0.20 -10.79 -23.93
N ARG A 743 0.30 -10.47 -22.64
CA ARG A 743 -0.90 -10.51 -21.79
C ARG A 743 -1.85 -9.36 -22.09
N PHE A 744 -1.33 -8.18 -22.45
CA PHE A 744 -2.22 -7.09 -22.85
C PHE A 744 -2.95 -7.41 -24.14
N ASN A 745 -2.23 -7.90 -25.15
CA ASN A 745 -2.83 -8.27 -26.43
C ASN A 745 -2.58 -9.75 -26.68
N PRO A 746 -3.55 -10.62 -26.42
CA PRO A 746 -3.31 -12.07 -26.52
C PRO A 746 -3.38 -12.64 -27.93
N SER A 747 -3.57 -11.81 -28.95
CA SER A 747 -3.62 -12.27 -30.32
C SER A 747 -2.28 -12.13 -31.05
N LEU A 748 -1.23 -11.72 -30.35
CA LEU A 748 0.05 -11.46 -30.97
C LEU A 748 0.91 -12.73 -31.03
N THR A 749 1.93 -12.67 -31.88
CA THR A 749 2.90 -13.75 -32.06
C THR A 749 4.12 -13.48 -31.17
N ASP A 750 4.79 -14.55 -30.75
CA ASP A 750 5.92 -14.42 -29.83
C ASP A 750 7.04 -13.56 -30.42
N GLU A 751 7.37 -13.80 -31.69
CA GLU A 751 8.46 -13.06 -32.33
C GLU A 751 8.14 -11.58 -32.45
N GLU A 752 6.87 -11.23 -32.72
CA GLU A 752 6.48 -9.84 -32.82
C GLU A 752 6.70 -9.11 -31.49
N THR A 753 6.24 -9.71 -30.39
CA THR A 753 6.40 -9.10 -29.08
C THR A 753 7.87 -9.00 -28.69
N LYS A 754 8.65 -10.05 -28.98
CA LYS A 754 10.08 -9.99 -28.67
C LYS A 754 10.78 -8.89 -29.46
N LYS A 755 10.44 -8.74 -30.74
CA LYS A 755 11.06 -7.69 -31.55
C LYS A 755 10.68 -6.31 -31.05
N ILE A 756 9.40 -6.10 -30.71
CA ILE A 756 8.96 -4.80 -30.22
C ILE A 756 9.64 -4.45 -28.90
N ALA A 757 9.69 -5.42 -27.97
CA ALA A 757 10.33 -5.18 -26.68
C ALA A 757 11.82 -4.91 -26.83
N ASN A 758 12.49 -5.67 -27.70
CA ASN A 758 13.92 -5.46 -27.93
C ASN A 758 14.19 -4.09 -28.52
N LYS A 759 13.36 -3.66 -29.49
CA LYS A 759 13.55 -2.33 -30.08
C LYS A 759 13.31 -1.23 -29.06
N LEU A 760 12.27 -1.37 -28.23
CA LEU A 760 11.97 -0.34 -27.23
C LEU A 760 13.08 -0.26 -26.19
N TYR A 761 13.59 -1.40 -25.71
CA TYR A 761 14.67 -1.38 -24.74
C TYR A 761 15.98 -0.87 -25.34
N GLU A 762 16.22 -1.14 -26.63
CA GLU A 762 17.40 -0.59 -27.28
C GLU A 762 17.30 0.93 -27.43
N ASN A 763 16.10 1.44 -27.73
CA ASN A 763 15.92 2.88 -27.85
C ASN A 763 15.98 3.57 -26.50
N THR A 764 15.53 2.90 -25.43
CA THR A 764 15.39 3.54 -24.13
C THR A 764 16.67 3.53 -23.30
N LYS A 765 17.25 2.35 -23.05
CA LYS A 765 18.36 2.24 -22.13
C LYS A 765 19.72 2.39 -22.81
N GLY A 766 19.90 1.83 -24.00
CA GLY A 766 21.17 1.94 -24.68
C GLY A 766 22.06 0.73 -24.52
N LYS A 767 23.38 0.96 -24.45
CA LYS A 767 24.37 -0.09 -24.31
C LYS A 767 25.15 0.08 -23.02
N THR A 768 26.01 -0.89 -22.72
CA THR A 768 26.76 -0.92 -21.48
C THR A 768 28.25 -0.96 -21.76
N LYS A 769 29.04 -0.37 -20.85
CA LYS A 769 30.49 -0.47 -20.94
C LYS A 769 31.09 -0.72 -19.56
N ARG A 770 32.13 -1.55 -19.54
CA ARG A 770 32.88 -1.87 -18.33
C ARG A 770 34.27 -1.28 -18.48
N SER A 771 34.66 -0.42 -17.56
CA SER A 771 36.02 0.09 -17.45
C SER A 771 36.45 0.02 -15.99
N LYS A 772 37.75 -0.13 -15.78
CA LYS A 772 38.27 -0.24 -14.43
C LYS A 772 38.07 1.06 -13.65
N LEU A 773 38.28 2.20 -14.30
CA LEU A 773 38.23 3.49 -13.62
C LEU A 773 36.78 3.91 -13.33
N PHE A 774 35.87 3.73 -14.28
CA PHE A 774 34.51 4.23 -14.16
C PHE A 774 33.50 3.12 -13.92
N LYS A 775 33.96 1.92 -13.57
CA LYS A 775 33.12 0.74 -13.26
C LYS A 775 32.24 0.42 -14.46
N LYS A 776 30.95 0.16 -14.28
CA LYS A 776 30.06 -0.18 -15.37
C LYS A 776 29.03 0.92 -15.56
N PHE A 777 28.78 1.30 -16.81
CA PHE A 777 27.84 2.40 -17.03
C PHE A 777 27.11 2.24 -18.35
N TRP A 778 25.88 2.77 -18.38
CA TRP A 778 25.03 2.79 -19.56
C TRP A 778 25.32 4.03 -20.38
N TYR A 779 25.14 3.91 -21.70
CA TYR A 779 25.35 5.05 -22.58
C TYR A 779 24.49 4.89 -23.83
N GLY A 780 24.24 6.02 -24.49
CA GLY A 780 23.56 6.06 -25.77
C GLY A 780 22.06 6.12 -25.72
N GLY A 781 21.44 6.00 -24.54
CA GLY A 781 20.01 5.98 -24.41
C GLY A 781 19.46 7.30 -23.89
N SER A 782 18.13 7.43 -23.99
CA SER A 782 17.45 8.63 -23.52
C SER A 782 17.28 8.67 -22.01
N GLU A 783 17.42 7.53 -21.33
CA GLU A 783 17.31 7.48 -19.86
C GLU A 783 18.55 6.89 -19.20
N SER A 784 19.70 6.92 -19.90
CA SER A 784 20.92 6.35 -19.34
C SER A 784 21.39 7.11 -18.10
N ILE A 785 21.30 8.43 -18.15
CA ILE A 785 21.76 9.27 -17.04
C ILE A 785 20.93 9.02 -15.79
N LEU A 786 19.62 8.87 -15.95
CA LEU A 786 18.74 8.59 -14.81
C LEU A 786 19.05 7.24 -14.18
N PHE A 787 19.27 6.21 -15.00
CA PHE A 787 19.61 4.89 -14.48
C PHE A 787 20.93 4.91 -13.74
N ASN A 788 21.93 5.59 -14.31
CA ASN A 788 23.24 5.68 -13.66
C ASN A 788 23.14 6.43 -12.33
N LYS A 789 22.36 7.52 -12.29
CA LYS A 789 22.22 8.29 -11.05
C LYS A 789 21.49 7.49 -9.98
N LEU A 790 20.43 6.76 -10.37
CA LEU A 790 19.70 5.93 -9.41
C LEU A 790 20.57 4.81 -8.88
N GLU A 791 21.41 4.21 -9.73
CA GLU A 791 22.34 3.20 -9.27
C GLU A 791 23.39 3.80 -8.33
N SER A 792 23.84 5.02 -8.63
CA SER A 792 24.94 5.61 -7.87
C SER A 792 24.48 6.05 -6.47
N ILE A 793 23.28 6.63 -6.36
CA ILE A 793 22.86 7.15 -5.05
C ILE A 793 22.48 6.05 -4.07
N ALA A 794 22.39 4.80 -4.51
CA ALA A 794 22.03 3.70 -3.62
C ALA A 794 23.24 3.00 -3.01
N GLU A 795 24.45 3.43 -3.35
CA GLU A 795 25.67 2.82 -2.84
C GLU A 795 26.41 3.72 -1.86
N GLN A 796 25.75 4.73 -1.32
CA GLN A 796 26.38 5.62 -0.36
C GLN A 796 26.42 4.97 1.02
N GLU A 797 27.34 5.45 1.86
CA GLU A 797 27.49 4.92 3.21
C GLU A 797 26.28 5.24 4.07
N THR A 798 25.77 6.47 4.00
CA THR A 798 24.62 6.90 4.79
C THR A 798 23.59 7.50 3.82
N PRO A 799 22.67 6.67 3.32
CA PRO A 799 21.67 7.18 2.39
C PRO A 799 20.61 8.02 3.11
N LYS A 800 20.26 9.15 2.49
CA LYS A 800 19.25 10.05 3.04
C LYS A 800 18.30 10.49 1.94
N THR A 801 17.09 10.87 2.34
CA THR A 801 16.11 11.40 1.41
C THR A 801 16.54 12.79 0.96
N PRO A 802 16.54 13.07 -0.36
CA PRO A 802 17.09 14.36 -0.83
C PRO A 802 16.32 15.59 -0.36
N VAL A 803 15.06 15.46 0.02
CA VAL A 803 14.25 16.63 0.35
C VAL A 803 14.29 16.95 1.84
N LEU A 804 13.99 15.98 2.70
CA LEU A 804 13.91 16.21 4.14
C LEU A 804 15.04 15.57 4.94
N GLY A 805 15.85 14.71 4.32
CA GLY A 805 16.99 14.14 5.01
C GLY A 805 16.68 13.01 5.99
N CYS A 806 15.65 12.22 5.72
CA CYS A 806 15.34 11.09 6.57
C CYS A 806 16.29 9.93 6.29
N GLY A 807 16.58 9.15 7.35
CA GLY A 807 17.51 8.05 7.24
C GLY A 807 16.84 6.73 6.88
N ILE A 808 17.68 5.73 6.60
CA ILE A 808 17.23 4.41 6.21
C ILE A 808 17.39 3.47 7.41
N THR A 809 16.72 2.32 7.32
CA THR A 809 16.76 1.33 8.40
C THR A 809 18.15 0.70 8.53
N TYR A 810 18.41 0.14 9.72
CA TYR A 810 19.69 -0.51 9.98
C TYR A 810 19.82 -1.83 9.22
N SER A 811 18.70 -2.47 8.90
CA SER A 811 18.74 -3.79 8.26
C SER A 811 19.26 -3.71 6.84
N LEU A 812 19.07 -2.57 6.17
CA LEU A 812 19.45 -2.42 4.77
C LEU A 812 20.68 -1.53 4.59
N MET A 813 21.52 -1.40 5.60
CA MET A 813 22.75 -0.63 5.48
C MET A 813 23.91 -1.54 5.09
N LYS A 814 24.97 -0.92 4.56
CA LYS A 814 26.05 -1.67 3.93
C LYS A 814 26.87 -2.46 4.96
N LYS A 815 27.13 -1.89 6.12
CA LYS A 815 28.02 -2.53 7.08
C LYS A 815 27.40 -3.77 7.72
N ASN A 816 26.09 -3.98 7.56
CA ASN A 816 25.43 -5.18 8.07
C ASN A 816 25.19 -6.22 6.99
N LEU A 817 25.79 -6.05 5.81
CA LEU A 817 25.60 -6.96 4.69
C LEU A 817 26.94 -7.35 4.10
N ARG A 818 27.17 -8.65 3.95
CA ARG A 818 28.30 -9.17 3.19
C ARG A 818 27.88 -10.01 2.00
N ALA A 819 26.76 -10.72 2.10
CA ALA A 819 26.12 -11.40 0.98
C ALA A 819 24.64 -11.04 1.00
N ASN A 820 23.94 -11.37 -0.08
CA ASN A 820 22.52 -11.08 -0.25
C ASN A 820 22.25 -9.58 -0.15
N SER A 821 22.74 -8.86 -1.15
CA SER A 821 22.83 -7.41 -1.09
C SER A 821 21.46 -6.72 -1.05
N PHE A 822 20.42 -7.38 -1.58
CA PHE A 822 19.06 -6.81 -1.66
C PHE A 822 19.05 -5.47 -2.40
N LEU A 823 19.68 -5.45 -3.58
CA LEU A 823 19.89 -4.21 -4.31
C LEU A 823 18.62 -3.50 -4.80
N PRO A 824 17.63 -4.17 -5.44
CA PRO A 824 16.49 -3.44 -6.02
C PRO A 824 15.66 -2.65 -5.00
N SER A 825 15.56 -3.14 -3.77
CA SER A 825 14.80 -2.39 -2.74
C SER A 825 15.57 -1.13 -2.34
N ARG A 826 16.90 -1.21 -2.27
CA ARG A 826 17.71 -0.04 -1.99
C ARG A 826 17.66 0.96 -3.13
N ILE A 827 17.46 0.47 -4.37
CA ILE A 827 17.28 1.39 -5.48
C ILE A 827 15.93 2.09 -5.40
N ASN A 828 14.89 1.35 -5.01
CA ASN A 828 13.51 1.90 -5.00
C ASN A 828 13.32 2.87 -3.83
N TRP A 829 14.00 2.63 -2.71
CA TRP A 829 13.62 3.21 -1.42
C TRP A 829 13.49 4.73 -1.45
N ALA A 830 14.47 5.43 -2.02
CA ALA A 830 14.45 6.89 -1.99
C ALA A 830 13.27 7.46 -2.78
N ILE A 831 13.04 6.92 -3.99
CA ILE A 831 11.95 7.41 -4.83
C ILE A 831 10.60 7.12 -4.19
N GLN A 832 10.45 5.94 -3.59
CA GLN A 832 9.13 5.63 -2.97
C GLN A 832 8.96 6.38 -1.65
N SER A 833 10.05 6.77 -1.00
CA SER A 833 9.96 7.47 0.28
C SER A 833 9.79 8.97 0.14
N SER A 834 10.10 9.53 -1.04
CA SER A 834 9.86 10.97 -1.23
C SER A 834 8.38 11.32 -1.22
N GLY A 835 7.51 10.38 -1.61
CA GLY A 835 6.08 10.65 -1.61
C GLY A 835 5.50 10.88 -0.23
N VAL A 836 6.07 10.22 0.79
CA VAL A 836 5.62 10.44 2.16
C VAL A 836 5.91 11.86 2.60
N ASP A 837 7.10 12.38 2.23
CA ASP A 837 7.44 13.77 2.53
C ASP A 837 6.52 14.73 1.78
N TYR A 838 6.18 14.41 0.53
CA TYR A 838 5.23 15.19 -0.23
C TYR A 838 3.88 15.29 0.51
N LEU A 839 3.37 14.14 0.96
CA LEU A 839 2.09 14.12 1.67
C LEU A 839 2.16 14.88 2.98
N HIS A 840 3.27 14.75 3.71
CA HIS A 840 3.42 15.46 4.98
C HIS A 840 3.44 16.97 4.77
N LEU A 841 4.15 17.43 3.74
CA LEU A 841 4.17 18.86 3.43
C LEU A 841 2.78 19.38 3.07
N LEU A 842 2.04 18.60 2.28
CA LEU A 842 0.68 18.99 1.91
C LEU A 842 -0.21 19.12 3.14
N CYS A 843 -0.13 18.13 4.05
CA CYS A 843 -0.96 18.15 5.26
C CYS A 843 -0.61 19.32 6.16
N CYS A 844 0.69 19.61 6.33
CA CYS A 844 1.10 20.72 7.17
C CYS A 844 0.62 22.06 6.60
N SER A 845 0.73 22.23 5.28
CA SER A 845 0.27 23.46 4.65
C SER A 845 -1.23 23.65 4.81
N MET A 846 -2.01 22.57 4.61
CA MET A 846 -3.45 22.66 4.77
C MET A 846 -3.85 22.99 6.20
N GLU A 847 -3.17 22.38 7.18
CA GLU A 847 -3.47 22.67 8.58
C GLU A 847 -3.19 24.13 8.92
N TYR A 848 -2.05 24.65 8.43
CA TYR A 848 -1.73 26.05 8.70
C TYR A 848 -2.76 27.00 8.07
N ILE A 849 -3.17 26.74 6.83
CA ILE A 849 -4.12 27.64 6.18
C ILE A 849 -5.47 27.60 6.88
N ILE A 850 -5.93 26.40 7.27
CA ILE A 850 -7.21 26.27 7.95
C ILE A 850 -7.18 26.99 9.30
N LYS A 851 -6.08 26.85 10.05
CA LYS A 851 -5.98 27.54 11.33
C LYS A 851 -5.91 29.05 11.15
N LYS A 852 -5.22 29.53 10.10
CA LYS A 852 -5.07 30.97 9.92
C LYS A 852 -6.38 31.63 9.50
N TYR A 853 -7.10 31.07 8.53
CA TYR A 853 -8.24 31.76 7.96
C TYR A 853 -9.59 31.29 8.51
N ASN A 854 -9.58 30.52 9.60
CA ASN A 854 -10.81 30.13 10.33
C ASN A 854 -11.82 29.41 9.43
N LEU A 855 -11.34 28.49 8.61
CA LEU A 855 -12.22 27.71 7.77
C LEU A 855 -12.82 26.55 8.55
N GLU A 856 -13.99 26.09 8.09
CA GLU A 856 -14.67 24.95 8.70
C GLU A 856 -14.37 23.71 7.86
N ALA A 857 -13.23 23.09 8.13
CA ALA A 857 -12.79 21.91 7.39
C ALA A 857 -12.02 20.99 8.32
N ARG A 858 -12.02 19.71 7.96
CA ARG A 858 -11.32 18.69 8.73
C ARG A 858 -11.00 17.52 7.81
N LEU A 859 -9.79 16.98 7.95
CA LEU A 859 -9.36 15.87 7.10
C LEU A 859 -10.20 14.62 7.37
N CYS A 860 -10.63 13.97 6.29
CA CYS A 860 -11.45 12.77 6.36
C CYS A 860 -10.68 11.50 6.05
N ILE A 861 -10.01 11.43 4.90
CA ILE A 861 -9.27 10.24 4.51
C ILE A 861 -8.14 10.63 3.58
N SER A 862 -7.07 9.84 3.60
CA SER A 862 -5.89 10.05 2.77
C SER A 862 -5.42 8.68 2.29
N ILE A 863 -5.70 8.37 1.03
CA ILE A 863 -5.23 7.14 0.41
C ILE A 863 -4.03 7.54 -0.43
N HIS A 864 -2.84 7.42 0.16
CA HIS A 864 -1.54 7.69 -0.48
C HIS A 864 -1.54 9.13 -0.98
N ASP A 865 -1.51 9.31 -2.31
CA ASP A 865 -1.37 10.68 -2.92
C ASP A 865 -2.75 11.29 -3.16
N GLU A 866 -3.83 10.55 -2.86
CA GLU A 866 -5.20 11.04 -2.86
C GLU A 866 -5.61 11.51 -1.46
N ILE A 867 -6.22 12.69 -1.37
CA ILE A 867 -6.68 13.22 -0.09
C ILE A 867 -8.10 13.79 -0.25
N ARG A 868 -8.87 13.70 0.83
CA ARG A 868 -10.24 14.23 0.88
C ARG A 868 -10.44 15.02 2.18
N PHE A 869 -11.36 15.98 2.12
CA PHE A 869 -11.72 16.81 3.27
C PHE A 869 -13.24 16.94 3.36
N LEU A 870 -13.73 17.08 4.59
CA LEU A 870 -15.14 17.33 4.85
C LEU A 870 -15.33 18.82 5.11
N VAL A 871 -16.09 19.48 4.25
CA VAL A 871 -16.22 20.93 4.25
C VAL A 871 -17.70 21.30 4.19
N SER A 872 -18.08 22.34 4.94
CA SER A 872 -19.45 22.84 4.88
C SER A 872 -19.71 23.53 3.53
N GLU A 873 -20.99 23.86 3.31
CA GLU A 873 -21.39 24.41 2.02
C GLU A 873 -20.83 25.80 1.78
N LYS A 874 -20.51 26.54 2.84
CA LYS A 874 -20.11 27.93 2.68
C LYS A 874 -18.64 28.07 2.27
N ASP A 875 -17.77 27.16 2.69
CA ASP A 875 -16.32 27.33 2.55
C ASP A 875 -15.69 26.32 1.59
N LYS A 876 -16.46 25.86 0.60
CA LYS A 876 -15.98 24.81 -0.31
C LYS A 876 -14.93 25.34 -1.29
N TYR A 877 -15.19 26.49 -1.91
CA TYR A 877 -14.26 27.02 -2.91
C TYR A 877 -13.00 27.58 -2.24
N ARG A 878 -13.14 28.07 -1.01
CA ARG A 878 -11.97 28.48 -0.24
C ARG A 878 -11.08 27.28 0.07
N ALA A 879 -11.68 26.12 0.36
CA ALA A 879 -10.91 24.91 0.57
C ALA A 879 -10.18 24.47 -0.71
N ALA A 880 -10.85 24.60 -1.87
CA ALA A 880 -10.19 24.28 -3.13
C ALA A 880 -9.01 25.22 -3.39
N MET A 881 -9.18 26.51 -3.11
CA MET A 881 -8.10 27.48 -3.27
C MET A 881 -6.93 27.14 -2.35
N ALA A 882 -7.22 26.76 -1.10
CA ALA A 882 -6.17 26.38 -0.17
C ALA A 882 -5.42 25.14 -0.66
N LEU A 883 -6.14 24.19 -1.25
CA LEU A 883 -5.49 23.01 -1.82
C LEU A 883 -4.52 23.40 -2.93
N GLN A 884 -4.94 24.33 -3.81
CA GLN A 884 -4.07 24.77 -4.89
C GLN A 884 -2.82 25.47 -4.36
N ILE A 885 -2.98 26.32 -3.33
CA ILE A 885 -1.84 27.00 -2.73
C ILE A 885 -0.88 25.99 -2.10
N SER A 886 -1.42 24.97 -1.43
CA SER A 886 -0.58 23.94 -0.84
C SER A 886 0.22 23.19 -1.90
N ASN A 887 -0.44 22.86 -3.03
CA ASN A 887 0.26 22.17 -4.12
C ASN A 887 1.40 22.99 -4.69
N ILE A 888 1.15 24.29 -4.93
CA ILE A 888 2.21 25.10 -5.54
C ILE A 888 3.37 25.30 -4.55
N TRP A 889 3.06 25.45 -3.25
CA TRP A 889 4.13 25.56 -2.25
C TRP A 889 4.96 24.29 -2.18
N THR A 890 4.32 23.12 -2.21
CA THR A 890 5.05 21.86 -2.15
C THR A 890 5.96 21.67 -3.37
N ARG A 891 5.44 21.99 -4.56
CA ARG A 891 6.26 21.84 -5.76
C ARG A 891 7.43 22.82 -5.78
N ALA A 892 7.21 24.05 -5.30
CA ALA A 892 8.31 25.01 -5.21
C ALA A 892 9.35 24.55 -4.20
N MET A 893 8.92 23.94 -3.09
CA MET A 893 9.87 23.39 -2.11
C MET A 893 10.73 22.29 -2.72
N PHE A 894 10.10 21.37 -3.46
CA PHE A 894 10.85 20.30 -4.11
C PHE A 894 11.85 20.85 -5.13
N CYS A 895 11.42 21.84 -5.93
CA CYS A 895 12.33 22.41 -6.91
C CYS A 895 13.50 23.14 -6.26
N GLN A 896 13.24 23.89 -5.19
CA GLN A 896 14.30 24.68 -4.59
C GLN A 896 15.30 23.81 -3.81
N GLN A 897 14.84 22.71 -3.22
CA GLN A 897 15.76 21.84 -2.49
C GLN A 897 16.78 21.17 -3.40
N MET A 898 16.39 20.83 -4.63
CA MET A 898 17.29 20.17 -5.56
C MET A 898 18.12 21.13 -6.40
N GLY A 899 18.03 22.43 -6.14
CA GLY A 899 18.98 23.39 -6.68
C GLY A 899 18.51 24.27 -7.82
N ILE A 900 17.23 24.22 -8.19
CA ILE A 900 16.69 25.02 -9.27
C ILE A 900 15.69 26.02 -8.71
N ASN A 901 15.84 27.28 -9.08
CA ASN A 901 15.01 28.37 -8.57
C ASN A 901 13.90 28.76 -9.55
N GLU A 902 13.41 27.81 -10.34
CA GLU A 902 12.35 28.07 -11.29
C GLU A 902 11.36 26.91 -11.28
N LEU A 903 10.13 27.19 -11.74
CA LEU A 903 9.08 26.19 -11.81
C LEU A 903 8.33 26.32 -13.14
N PRO A 904 8.16 25.22 -13.88
CA PRO A 904 7.33 25.27 -15.08
C PRO A 904 5.87 25.52 -14.76
N GLN A 905 5.19 26.20 -15.69
CA GLN A 905 3.81 26.59 -15.45
C GLN A 905 2.84 25.43 -15.60
N ASN A 906 3.16 24.45 -16.45
CA ASN A 906 2.22 23.37 -16.75
C ASN A 906 2.00 22.45 -15.56
N CYS A 907 3.00 22.24 -14.72
CA CYS A 907 2.93 21.32 -13.60
C CYS A 907 2.69 22.01 -12.26
N ALA A 908 2.29 23.27 -12.27
CA ALA A 908 2.17 24.03 -11.03
C ALA A 908 0.91 23.67 -10.23
N PHE A 909 -0.19 23.33 -10.90
CA PHE A 909 -1.47 23.19 -10.23
C PHE A 909 -2.07 21.81 -10.48
N PHE A 910 -3.04 21.46 -9.63
CA PHE A 910 -3.83 20.25 -9.86
C PHE A 910 -4.62 20.37 -11.15
N SER A 911 -4.76 19.24 -11.86
CA SER A 911 -5.57 19.24 -13.07
C SER A 911 -7.05 19.34 -12.75
N GLN A 912 -7.52 18.56 -11.78
CA GLN A 912 -8.92 18.52 -11.41
C GLN A 912 -9.06 18.54 -9.90
N VAL A 913 -10.06 19.27 -9.41
CA VAL A 913 -10.44 19.28 -8.00
C VAL A 913 -11.90 18.86 -7.92
N ASP A 914 -12.20 17.88 -7.06
CA ASP A 914 -13.51 17.24 -7.05
C ASP A 914 -14.32 17.68 -5.84
N ILE A 915 -15.58 18.02 -6.07
CA ILE A 915 -16.54 18.31 -5.01
C ILE A 915 -17.71 17.35 -5.18
N ASP A 916 -18.05 16.62 -4.11
CA ASP A 916 -19.03 15.55 -4.20
C ASP A 916 -19.72 15.36 -2.86
N SER A 917 -20.63 14.38 -2.81
CA SER A 917 -21.30 13.98 -1.59
C SER A 917 -20.94 12.56 -1.16
N VAL A 918 -20.33 11.75 -2.04
CA VAL A 918 -19.86 10.42 -1.73
C VAL A 918 -18.40 10.32 -2.19
N ILE A 919 -17.80 9.16 -1.94
CA ILE A 919 -16.40 8.91 -2.30
C ILE A 919 -16.39 7.96 -3.50
N ARG A 920 -15.87 8.45 -4.62
CA ARG A 920 -15.68 7.63 -5.82
C ARG A 920 -14.47 8.17 -6.57
N LYS A 921 -14.12 7.49 -7.67
CA LYS A 921 -12.95 7.91 -8.43
C LYS A 921 -13.28 9.03 -9.40
N GLU A 922 -14.42 8.94 -10.10
CA GLU A 922 -14.85 9.97 -11.03
C GLU A 922 -16.26 10.41 -10.68
N VAL A 923 -16.51 11.72 -10.83
CA VAL A 923 -17.80 12.29 -10.45
C VAL A 923 -18.92 11.78 -11.34
N ASN A 924 -18.66 11.57 -12.62
CA ASN A 924 -19.69 11.14 -13.57
C ASN A 924 -19.70 9.62 -13.72
N MET A 925 -19.94 8.93 -12.60
CA MET A 925 -20.04 7.48 -12.58
C MET A 925 -21.38 7.07 -11.97
N ASP A 926 -22.10 6.19 -12.66
CA ASP A 926 -23.38 5.71 -12.16
C ASP A 926 -23.22 4.72 -11.02
N CYS A 927 -22.09 4.01 -11.00
CA CYS A 927 -21.76 3.03 -9.95
C CYS A 927 -22.82 1.93 -9.86
N ILE A 928 -23.26 1.42 -11.01
CA ILE A 928 -24.21 0.31 -11.05
C ILE A 928 -23.44 -0.99 -10.89
N THR A 929 -23.80 -1.78 -9.87
CA THR A 929 -23.19 -3.05 -9.55
C THR A 929 -24.26 -4.13 -9.63
N PRO A 930 -23.91 -5.43 -9.63
CA PRO A 930 -24.96 -6.46 -9.54
C PRO A 930 -25.81 -6.40 -8.28
N SER A 931 -25.28 -5.80 -7.20
CA SER A 931 -26.03 -5.68 -5.96
C SER A 931 -26.65 -4.31 -5.74
N ASN A 932 -26.26 -3.30 -6.52
CA ASN A 932 -26.82 -1.96 -6.41
C ASN A 932 -27.50 -1.60 -7.72
N LYS A 933 -28.81 -1.34 -7.67
CA LYS A 933 -29.61 -1.07 -8.86
C LYS A 933 -30.00 0.40 -9.00
N THR A 934 -29.47 1.28 -8.16
CA THR A 934 -29.86 2.68 -8.16
C THR A 934 -28.64 3.54 -8.50
N ALA A 935 -28.80 4.43 -9.48
CA ALA A 935 -27.74 5.34 -9.88
C ALA A 935 -27.59 6.47 -8.87
N ILE A 936 -26.40 7.05 -8.84
CA ILE A 936 -26.05 8.14 -7.93
C ILE A 936 -25.85 9.40 -8.77
N PRO A 937 -26.43 10.54 -8.38
CA PRO A 937 -26.23 11.77 -9.16
C PRO A 937 -24.78 12.24 -9.14
N HIS A 938 -24.39 12.89 -10.23
CA HIS A 938 -23.01 13.27 -10.46
C HIS A 938 -22.61 14.46 -9.59
N GLY A 939 -21.31 14.60 -9.39
CA GLY A 939 -20.71 15.68 -8.64
C GLY A 939 -20.19 16.79 -9.53
N GLU A 940 -19.15 17.47 -9.07
CA GLU A 940 -18.58 18.58 -9.81
C GLU A 940 -17.07 18.48 -9.80
N ALA A 941 -16.44 18.85 -10.93
CA ALA A 941 -14.99 18.87 -11.05
C ALA A 941 -14.56 20.19 -11.67
N LEU A 942 -13.51 20.79 -11.12
CA LEU A 942 -13.10 22.13 -11.52
C LEU A 942 -11.59 22.20 -11.75
N ASP A 943 -11.20 23.06 -12.69
CA ASP A 943 -9.81 23.42 -12.93
C ASP A 943 -9.53 24.81 -12.34
N ILE A 944 -8.32 25.33 -12.60
CA ILE A 944 -7.90 26.58 -11.95
C ILE A 944 -8.66 27.79 -12.51
N ASN A 945 -8.88 27.82 -13.84
CA ASN A 945 -9.54 28.98 -14.43
C ASN A 945 -11.01 29.04 -14.06
N GLN A 946 -11.69 27.88 -14.06
CA GLN A 946 -13.08 27.83 -13.64
C GLN A 946 -13.24 28.16 -12.16
N LEU A 947 -12.26 27.77 -11.33
CA LEU A 947 -12.28 28.16 -9.93
C LEU A 947 -12.11 29.66 -9.76
N LEU A 948 -11.21 30.27 -10.53
CA LEU A 948 -11.01 31.71 -10.43
C LEU A 948 -12.20 32.50 -10.96
N ASP A 949 -12.93 31.94 -11.93
CA ASP A 949 -14.08 32.66 -12.48
C ASP A 949 -15.25 32.74 -11.49
N LYS A 950 -15.42 31.74 -10.65
CA LYS A 950 -16.54 31.72 -9.74
C LYS A 950 -16.35 32.75 -8.62
N PRO A 951 -17.43 33.28 -8.07
CA PRO A 951 -17.33 34.18 -6.91
C PRO A 951 -17.12 33.38 -5.62
N ASN A 952 -17.22 34.09 -4.49
CA ASN A 952 -17.10 33.59 -3.09
C ASN A 952 -16.02 32.52 -2.92
N SER A 953 -14.91 32.67 -3.63
CA SER A 953 -13.77 31.77 -3.55
C SER A 953 -12.52 32.47 -3.03
N LYS A 954 -12.64 33.69 -2.53
CA LYS A 954 -11.52 34.48 -2.05
C LYS A 954 -11.43 34.41 -0.54
N LEU A 955 -10.20 34.29 -0.04
CA LEU A 955 -9.98 34.22 1.40
C LEU A 955 -10.27 35.57 2.05
N GLY A 956 -10.79 35.52 3.28
CA GLY A 956 -11.20 36.70 4.00
C GLY A 956 -10.11 37.29 4.85
N LYS A 957 -10.52 38.01 5.89
CA LYS A 957 -9.56 38.65 6.78
C LYS A 957 -8.86 37.61 7.66
N PRO A 958 -7.55 37.76 7.87
CA PRO A 958 -6.82 36.81 8.72
C PRO A 958 -6.74 37.25 10.17
N SER A 959 -6.37 36.30 11.03
CA SER A 959 -6.14 36.58 12.43
C SER A 959 -4.72 37.06 12.63
N LEU A 960 -4.56 38.14 13.40
CA LEU A 960 -3.24 38.76 13.56
C LEU A 960 -2.35 38.00 14.54
N ASP A 961 -2.93 37.32 15.53
CA ASP A 961 -2.14 36.68 16.58
C ASP A 961 -1.43 35.42 16.10
N ILE A 962 -1.90 34.80 15.02
CA ILE A 962 -1.30 33.57 14.54
C ILE A 962 0.13 33.82 14.07
N ASP A 963 0.34 34.89 13.30
CA ASP A 963 1.69 35.21 12.83
C ASP A 963 2.60 35.61 13.98
N SER A 964 2.06 36.30 14.99
CA SER A 964 2.84 36.63 16.17
C SER A 964 3.29 35.38 16.91
N LYS A 965 2.42 34.38 17.01
CA LYS A 965 2.82 33.12 17.63
C LYS A 965 3.85 32.38 16.78
N VAL A 966 3.70 32.42 15.45
CA VAL A 966 4.65 31.72 14.57
C VAL A 966 6.04 32.36 14.65
N SER A 967 6.10 33.69 14.76
CA SER A 967 7.37 34.41 14.69
C SER A 967 8.30 34.14 15.87
N GLN A 968 7.82 33.51 16.94
CA GLN A 968 8.67 33.28 18.11
C GLN A 968 9.69 32.17 17.88
N TYR A 969 9.40 31.21 16.99
CA TYR A 969 10.25 30.05 16.83
C TYR A 969 11.51 30.40 16.04
N ALA A 970 12.48 29.48 16.09
CA ALA A 970 13.82 29.71 15.59
C ALA A 970 14.06 29.00 14.26
N TYR A 971 15.12 29.42 13.58
CA TYR A 971 15.51 28.88 12.28
C TYR A 971 16.99 28.56 12.29
N ASN A 972 17.35 27.40 11.72
CA ASN A 972 18.73 26.97 11.62
C ASN A 972 19.02 26.55 10.19
N TYR A 973 20.11 27.08 9.62
CA TYR A 973 20.49 26.77 8.25
C TYR A 973 21.10 25.37 8.16
N ARG A 974 20.76 24.65 7.10
CA ARG A 974 21.31 23.33 6.84
C ARG A 974 21.69 23.21 5.38
N GLU A 975 22.66 22.33 5.10
CA GLU A 975 23.22 22.05 3.78
C GLU A 975 22.46 20.90 3.12
N PRO A 976 22.13 21.03 1.83
CA PRO A 976 21.35 19.99 1.15
C PRO A 976 22.15 18.70 0.95
N VAL A 977 21.41 17.63 0.69
CA VAL A 977 22.00 16.29 0.63
C VAL A 977 22.91 16.14 -0.59
N PHE A 978 22.43 16.58 -1.76
CA PHE A 978 23.23 16.42 -2.98
C PHE A 978 24.48 17.28 -2.96
N GLU A 979 24.46 18.42 -2.25
CA GLU A 979 25.67 19.20 -2.06
C GLU A 979 26.69 18.44 -1.21
N GLU A 980 26.21 17.64 -0.25
CA GLU A 980 27.12 16.77 0.50
C GLU A 980 27.66 15.66 -0.38
N TYR A 981 26.81 15.11 -1.27
CA TYR A 981 27.24 14.02 -2.14
C TYR A 981 28.28 14.49 -3.14
N ASN A 982 28.15 15.71 -3.65
CA ASN A 982 29.03 16.22 -4.70
C ASN A 982 30.47 16.47 -4.23
N LYS A 983 30.73 16.46 -2.93
CA LYS A 983 32.06 16.78 -2.43
C LYS A 983 33.08 15.69 -2.71
N SER A 984 32.64 14.44 -2.92
CA SER A 984 33.58 13.33 -3.05
C SER A 984 34.33 13.37 -4.38
N TYR A 985 33.65 13.72 -5.47
CA TYR A 985 34.22 13.60 -6.80
C TYR A 985 34.92 14.89 -7.22
N THR A 986 36.08 14.73 -7.85
CA THR A 986 36.78 15.85 -8.46
C THR A 986 36.05 16.26 -9.74
N PRO A 987 36.06 17.56 -10.09
CA PRO A 987 35.30 18.00 -11.27
C PRO A 987 35.77 17.41 -12.60
N GLU A 988 37.04 17.06 -12.73
CA GLU A 988 37.52 16.44 -13.97
C GLU A 988 36.86 15.08 -14.19
N PHE A 989 36.76 14.28 -13.13
CA PHE A 989 36.07 13.00 -13.20
C PHE A 989 34.62 13.19 -13.64
N LEU A 990 33.94 14.17 -13.05
CA LEU A 990 32.54 14.42 -13.38
C LEU A 990 32.37 14.85 -14.82
N LYS A 991 33.22 15.77 -15.31
CA LYS A 991 33.03 16.27 -16.66
C LYS A 991 33.36 15.20 -17.70
N TYR A 992 34.40 14.38 -17.46
CA TYR A 992 34.70 13.31 -18.41
C TYR A 992 33.64 12.22 -18.38
N PHE A 993 33.09 11.90 -17.19
CA PHE A 993 32.01 10.93 -17.10
C PHE A 993 30.78 11.42 -17.84
N LEU A 994 30.43 12.71 -17.67
CA LEU A 994 29.27 13.27 -18.34
C LEU A 994 29.48 13.32 -19.85
N ALA A 995 30.70 13.61 -20.29
CA ALA A 995 30.99 13.58 -21.72
C ALA A 995 30.86 12.18 -22.30
N MET A 996 31.31 11.17 -21.56
CA MET A 996 31.22 9.79 -22.08
C MET A 996 29.78 9.27 -22.06
N GLN A 997 28.96 9.70 -21.10
CA GLN A 997 27.60 9.17 -21.01
C GLN A 997 26.71 9.59 -22.17
N VAL A 998 27.08 10.62 -22.93
CA VAL A 998 26.25 11.09 -24.04
C VAL A 998 26.73 10.61 -25.40
N GLN A 999 27.85 9.89 -25.45
CA GLN A 999 28.36 9.39 -26.73
C GLN A 999 27.52 8.22 -27.23
N SER A 1000 27.63 7.95 -28.52
CA SER A 1000 26.86 6.89 -29.16
C SER A 1000 27.72 5.79 -29.78
N ASP A 1001 29.05 5.88 -29.69
CA ASP A 1001 29.93 4.88 -30.28
C ASP A 1001 31.02 4.52 -29.28
N LYS A 1002 31.54 3.29 -29.40
CA LYS A 1002 32.57 2.81 -28.49
C LYS A 1002 33.89 3.55 -28.70
N ARG A 1003 34.20 3.90 -29.95
CA ARG A 1003 35.48 4.54 -30.26
C ARG A 1003 35.60 5.91 -29.59
N ASP A 1004 34.50 6.67 -29.57
CA ASP A 1004 34.54 7.99 -28.93
C ASP A 1004 34.76 7.87 -27.43
N VAL A 1005 34.11 6.91 -26.79
CA VAL A 1005 34.29 6.72 -25.35
C VAL A 1005 35.71 6.27 -25.05
N ASN A 1006 36.26 5.37 -25.87
CA ASN A 1006 37.64 4.96 -25.68
C ASN A 1006 38.61 6.11 -25.86
N ARG A 1007 38.36 6.97 -26.85
CA ARG A 1007 39.19 8.16 -27.05
C ARG A 1007 39.12 9.10 -25.85
N LEU A 1008 37.92 9.30 -25.31
CA LEU A 1008 37.77 10.16 -24.13
C LEU A 1008 38.49 9.57 -22.92
N GLU A 1009 38.43 8.24 -22.76
CA GLU A 1009 39.15 7.59 -21.67
C GLU A 1009 40.65 7.76 -21.82
N ASP A 1010 41.15 7.63 -23.06
CA ASP A 1010 42.58 7.85 -23.30
C ASP A 1010 42.98 9.29 -23.01
N GLU A 1011 42.14 10.25 -23.39
CA GLU A 1011 42.43 11.65 -23.11
C GLU A 1011 42.42 11.93 -21.61
N TYR A 1012 41.49 11.32 -20.88
CA TYR A 1012 41.47 11.47 -19.43
C TYR A 1012 42.72 10.87 -18.79
N LEU A 1013 43.16 9.71 -19.28
CA LEU A 1013 44.36 9.09 -18.76
C LEU A 1013 45.60 9.94 -19.03
N ARG A 1014 45.65 10.56 -20.21
CA ARG A 1014 46.76 11.45 -20.52
C ARG A 1014 46.71 12.72 -19.67
N GLU A 1015 45.51 13.22 -19.38
CA GLU A 1015 45.39 14.48 -18.65
C GLU A 1015 45.70 14.31 -17.17
N CYS A 1016 45.23 13.20 -16.57
CA CYS A 1016 45.41 13.02 -15.13
C CYS A 1016 46.87 12.83 -14.76
N THR A 1017 47.63 12.12 -15.59
CA THR A 1017 49.03 11.77 -15.36
C THR A 1017 49.27 11.17 -13.97
P 2DT C 24 -5.89 2.01 -6.37
OP1 2DT C 24 -6.81 3.22 -6.49
OP2 2DT C 24 -5.77 1.31 -7.70
O5' 2DT C 24 -4.40 2.60 -5.93
N1 2DT C 24 -0.67 1.37 -5.30
C6 2DT C 24 -1.72 0.76 -6.01
C2 2DT C 24 0.68 0.92 -5.43
O2 2DT C 24 1.58 1.40 -4.84
N3 2DT C 24 0.88 -0.18 -6.32
C4 2DT C 24 -0.14 -0.81 -7.07
O4 2DT C 24 0.16 -1.71 -7.78
C5 2DT C 24 -1.48 -0.32 -6.90
C5M 2DT C 24 -2.63 -0.93 -7.65
C2' 2DT C 24 -0.69 3.89 -5.12
C5' 2DT C 24 -4.29 3.68 -5.04
C4' 2DT C 24 -2.95 3.80 -4.53
O4' 2DT C 24 -2.27 2.44 -4.10
C1' 2DT C 24 -0.99 2.45 -4.41
C3' 2DT C 24 -1.89 4.33 -5.51
PG DTP E . -2.09 9.64 -12.24
O1G DTP E . -3.29 9.24 -13.06
O2G DTP E . -2.53 9.97 -10.83
O3G DTP E . -1.44 10.85 -12.87
PB DTP E . 0.26 8.25 -11.13
O1B DTP E . 0.27 9.43 -10.19
O2B DTP E . 1.58 8.23 -11.92
O3B DTP E . -1.02 8.40 -12.22
PA DTP E . -0.92 6.61 -8.96
O1A DTP E . -1.68 7.88 -8.69
O2A DTP E . -1.91 5.46 -9.24
O3A DTP E . 0.10 6.81 -10.27
O5' DTP E . 0.00 6.19 -7.62
C5' DTP E . 0.98 7.07 -7.19
C4' DTP E . 2.34 6.39 -7.25
O4' DTP E . 2.21 4.84 -6.81
C3' DTP E . 2.78 6.38 -8.48
O3' DTP E . 3.55 7.63 -8.78
C2' DTP E . 3.72 5.18 -8.51
C1' DTP E . 3.08 4.17 -7.51
N9 DTP E . 2.38 3.08 -8.27
C8 DTP E . 1.14 2.78 -8.69
N7 DTP E . 1.21 1.62 -9.31
C5 DTP E . 2.49 1.21 -9.28
C6 DTP E . 3.11 0.07 -9.80
N6 DTP E . 2.66 -1.17 -10.57
N1 DTP E . 4.40 -0.11 -9.63
C2 DTP E . 5.14 0.83 -8.96
N3 DTP E . 4.55 1.94 -8.46
C4 DTP E . 3.21 2.12 -8.63
MG MG F . -1.85 10.28 -8.77
#